data_1OV9
# 
_entry.id   1OV9 
# 
_audit_conform.dict_name       mmcif_pdbx.dic 
_audit_conform.dict_version    5.376 
_audit_conform.dict_location   http://mmcif.pdb.org/dictionaries/ascii/mmcif_pdbx.dic 
# 
loop_
_database_2.database_id 
_database_2.database_code 
_database_2.pdbx_database_accession 
_database_2.pdbx_DOI 
PDB   1OV9         pdb_00001ov9 10.2210/pdb1ov9/pdb 
RCSB  RCSB018700   ?            ?                   
WWPDB D_1000018700 ?            ?                   
# 
loop_
_pdbx_database_related.db_name 
_pdbx_database_related.db_id 
_pdbx_database_related.details 
_pdbx_database_related.content_type 
PDB 1NI8 'Solution Structure of the H-Ns Dimerization Motif'                                                      unspecified 
PDB 1LR1 
;Solution Structure Of The Oligomerization Domain Of The Bacterial Chromatin-Structuring Protein  
H-Ns
;
unspecified 
# 
_pdbx_database_status.status_code                     REL 
_pdbx_database_status.entry_id                        1OV9 
_pdbx_database_status.recvd_initial_deposition_date   2003-03-26 
_pdbx_database_status.deposit_site                    RCSB 
_pdbx_database_status.process_site                    RCSB 
_pdbx_database_status.status_code_sf                  REL 
_pdbx_database_status.SG_entry                        . 
_pdbx_database_status.pdb_format_compatible           Y 
_pdbx_database_status.status_code_mr                  ? 
_pdbx_database_status.status_code_cs                  ? 
_pdbx_database_status.status_code_nmr_data            ? 
_pdbx_database_status.methods_development_category    ? 
# 
loop_
_audit_author.name 
_audit_author.pdbx_ordinal 
'Cerdan, R.'  1 
'Bloch, V.'   2 
'Arold, S.T.' 3 
# 
_citation.id                        primary 
_citation.title                     
'The Crystal Structure of the N-terminal dimerisation domain of VicH, the H-NS-like protein of Vibrio Cholerae' 
_citation.journal_abbrev            J.Mol.Biol. 
_citation.journal_volume            334 
_citation.page_first                179 
_citation.page_last                 185 
_citation.year                      2003 
_citation.journal_id_ASTM           JMOBAK 
_citation.country                   UK 
_citation.journal_id_ISSN           0022-2836 
_citation.journal_id_CSD            0070 
_citation.book_publisher            ? 
_citation.pdbx_database_id_PubMed   14607110 
_citation.pdbx_database_id_DOI      10.1016/j.jmb.2003.09.051 
# 
loop_
_citation_author.citation_id 
_citation_author.name 
_citation_author.ordinal 
_citation_author.identifier_ORCID 
primary 'Cerdan, R.'   1 ? 
primary 'Bloch, V.'    2 ? 
primary 'Yang, Y.'     3 ? 
primary 'Bertin, P.'   4 ? 
primary 'Dumas, C.'    5 ? 
primary 'Rimsky, S.'   6 ? 
primary 'Kochoyan, M.' 7 ? 
primary 'Arold, S.T.'  8 ? 
# 
_cell.entry_id           1OV9 
_cell.length_a           37.085 
_cell.length_b           49.192 
_cell.length_c           101.389 
_cell.angle_alpha        90.00 
_cell.angle_beta         90.00 
_cell.angle_gamma        90.00 
_cell.Z_PDB              16 
_cell.pdbx_unique_axis   ? 
# 
_symmetry.entry_id                         1OV9 
_symmetry.space_group_name_H-M             'I 2 2 2' 
_symmetry.pdbx_full_space_group_name_H-M   ? 
_symmetry.cell_setting                     ? 
_symmetry.Int_Tables_number                23 
# 
loop_
_entity.id 
_entity.type 
_entity.src_method 
_entity.pdbx_description 
_entity.formula_weight 
_entity.pdbx_number_of_molecules 
_entity.pdbx_ec 
_entity.pdbx_mutation 
_entity.pdbx_fragment 
_entity.details 
1 polymer man 'VicH protein' 5751.499 2  ? ? 'N-terminal Domain (residues 1-50)' ? 
2 water   nat water          18.015   47 ? ? ?                                   ? 
# 
_entity_poly.entity_id                      1 
_entity_poly.type                           'polypeptide(L)' 
_entity_poly.nstd_linkage                   no 
_entity_poly.nstd_monomer                   no 
_entity_poly.pdbx_seq_one_letter_code       SEITKTLLNIRSLRAYARELTIEQLEEALDKLTTVVQERKEAEAEEIAAR 
_entity_poly.pdbx_seq_one_letter_code_can   SEITKTLLNIRSLRAYARELTIEQLEEALDKLTTVVQERKEAEAEEIAAR 
_entity_poly.pdbx_strand_id                 A,B 
_entity_poly.pdbx_target_identifier         ? 
# 
loop_
_entity_poly_seq.entity_id 
_entity_poly_seq.num 
_entity_poly_seq.mon_id 
_entity_poly_seq.hetero 
1 1  SER n 
1 2  GLU n 
1 3  ILE n 
1 4  THR n 
1 5  LYS n 
1 6  THR n 
1 7  LEU n 
1 8  LEU n 
1 9  ASN n 
1 10 ILE n 
1 11 ARG n 
1 12 SER n 
1 13 LEU n 
1 14 ARG n 
1 15 ALA n 
1 16 TYR n 
1 17 ALA n 
1 18 ARG n 
1 19 GLU n 
1 20 LEU n 
1 21 THR n 
1 22 ILE n 
1 23 GLU n 
1 24 GLN n 
1 25 LEU n 
1 26 GLU n 
1 27 GLU n 
1 28 ALA n 
1 29 LEU n 
1 30 ASP n 
1 31 LYS n 
1 32 LEU n 
1 33 THR n 
1 34 THR n 
1 35 VAL n 
1 36 VAL n 
1 37 GLN n 
1 38 GLU n 
1 39 ARG n 
1 40 LYS n 
1 41 GLU n 
1 42 ALA n 
1 43 GLU n 
1 44 ALA n 
1 45 GLU n 
1 46 GLU n 
1 47 ILE n 
1 48 ALA n 
1 49 ALA n 
1 50 ARG n 
# 
_entity_src_gen.entity_id                          1 
_entity_src_gen.pdbx_src_id                        1 
_entity_src_gen.pdbx_alt_source_flag               sample 
_entity_src_gen.pdbx_seq_type                      ? 
_entity_src_gen.pdbx_beg_seq_num                   ? 
_entity_src_gen.pdbx_end_seq_num                   ? 
_entity_src_gen.gene_src_common_name               ? 
_entity_src_gen.gene_src_genus                     Vibrio 
_entity_src_gen.pdbx_gene_src_gene                 vich 
_entity_src_gen.gene_src_species                   ? 
_entity_src_gen.gene_src_strain                    ? 
_entity_src_gen.gene_src_tissue                    ? 
_entity_src_gen.gene_src_tissue_fraction           ? 
_entity_src_gen.gene_src_details                   ? 
_entity_src_gen.pdbx_gene_src_fragment             ? 
_entity_src_gen.pdbx_gene_src_scientific_name      'Vibrio cholerae' 
_entity_src_gen.pdbx_gene_src_ncbi_taxonomy_id     666 
_entity_src_gen.pdbx_gene_src_variant              ? 
_entity_src_gen.pdbx_gene_src_cell_line            ? 
_entity_src_gen.pdbx_gene_src_atcc                 ? 
_entity_src_gen.pdbx_gene_src_organ                ? 
_entity_src_gen.pdbx_gene_src_organelle            ? 
_entity_src_gen.pdbx_gene_src_cell                 ? 
_entity_src_gen.pdbx_gene_src_cellular_location    ? 
_entity_src_gen.host_org_common_name               ? 
_entity_src_gen.pdbx_host_org_scientific_name      'Escherichia coli BL21(DE3)' 
_entity_src_gen.pdbx_host_org_ncbi_taxonomy_id     469008 
_entity_src_gen.host_org_genus                     Escherichia 
_entity_src_gen.pdbx_host_org_gene                 ? 
_entity_src_gen.pdbx_host_org_organ                ? 
_entity_src_gen.host_org_species                   'Escherichia coli' 
_entity_src_gen.pdbx_host_org_tissue               ? 
_entity_src_gen.pdbx_host_org_tissue_fraction      ? 
_entity_src_gen.pdbx_host_org_strain               'BL21 (DE3)' 
_entity_src_gen.pdbx_host_org_variant              ? 
_entity_src_gen.pdbx_host_org_cell_line            ? 
_entity_src_gen.pdbx_host_org_atcc                 ? 
_entity_src_gen.pdbx_host_org_culture_collection   ? 
_entity_src_gen.pdbx_host_org_cell                 ? 
_entity_src_gen.pdbx_host_org_organelle            ? 
_entity_src_gen.pdbx_host_org_cellular_location    ? 
_entity_src_gen.pdbx_host_org_vector_type          plasmid 
_entity_src_gen.pdbx_host_org_vector               ? 
_entity_src_gen.host_org_details                   ? 
_entity_src_gen.expression_system_id               ? 
_entity_src_gen.plasmid_name                       pET22b 
_entity_src_gen.plasmid_details                    ? 
_entity_src_gen.pdbx_description                   ? 
# 
_struct_ref.id                         1 
_struct_ref.db_name                    UNP 
_struct_ref.db_code                    Q9KSX6_VIBCH 
_struct_ref.pdbx_db_accession          Q9KSX6 
_struct_ref.entity_id                  1 
_struct_ref.pdbx_seq_one_letter_code   SEITKTLLNIRSLRAYARELTIEQLEEALDKLTTVVQERKEAEAEEIAAR 
_struct_ref.pdbx_align_begin           2 
_struct_ref.pdbx_db_isoform            ? 
# 
loop_
_struct_ref_seq.align_id 
_struct_ref_seq.ref_id 
_struct_ref_seq.pdbx_PDB_id_code 
_struct_ref_seq.pdbx_strand_id 
_struct_ref_seq.seq_align_beg 
_struct_ref_seq.pdbx_seq_align_beg_ins_code 
_struct_ref_seq.seq_align_end 
_struct_ref_seq.pdbx_seq_align_end_ins_code 
_struct_ref_seq.pdbx_db_accession 
_struct_ref_seq.db_align_beg 
_struct_ref_seq.pdbx_db_align_beg_ins_code 
_struct_ref_seq.db_align_end 
_struct_ref_seq.pdbx_db_align_end_ins_code 
_struct_ref_seq.pdbx_auth_seq_align_beg 
_struct_ref_seq.pdbx_auth_seq_align_end 
1 1 1OV9 A 1 ? 50 ? Q9KSX6 2 ? 51 ? 1 50 
2 1 1OV9 B 1 ? 50 ? Q9KSX6 2 ? 51 ? 1 50 
# 
loop_
_chem_comp.id 
_chem_comp.type 
_chem_comp.mon_nstd_flag 
_chem_comp.name 
_chem_comp.pdbx_synonyms 
_chem_comp.formula 
_chem_comp.formula_weight 
ALA 'L-peptide linking' y ALANINE         ? 'C3 H7 N O2'     89.093  
ARG 'L-peptide linking' y ARGININE        ? 'C6 H15 N4 O2 1' 175.209 
ASN 'L-peptide linking' y ASPARAGINE      ? 'C4 H8 N2 O3'    132.118 
ASP 'L-peptide linking' y 'ASPARTIC ACID' ? 'C4 H7 N O4'     133.103 
GLN 'L-peptide linking' y GLUTAMINE       ? 'C5 H10 N2 O3'   146.144 
GLU 'L-peptide linking' y 'GLUTAMIC ACID' ? 'C5 H9 N O4'     147.129 
HOH non-polymer         . WATER           ? 'H2 O'           18.015  
ILE 'L-peptide linking' y ISOLEUCINE      ? 'C6 H13 N O2'    131.173 
LEU 'L-peptide linking' y LEUCINE         ? 'C6 H13 N O2'    131.173 
LYS 'L-peptide linking' y LYSINE          ? 'C6 H15 N2 O2 1' 147.195 
SER 'L-peptide linking' y SERINE          ? 'C3 H7 N O3'     105.093 
THR 'L-peptide linking' y THREONINE       ? 'C4 H9 N O3'     119.119 
TYR 'L-peptide linking' y TYROSINE        ? 'C9 H11 N O3'    181.189 
VAL 'L-peptide linking' y VALINE          ? 'C5 H11 N O2'    117.146 
# 
_exptl.entry_id          1OV9 
_exptl.method            'X-RAY DIFFRACTION' 
_exptl.crystals_number   1 
# 
_exptl_crystal.id                    1 
_exptl_crystal.density_meas          ? 
_exptl_crystal.density_Matthews      2.07 
_exptl_crystal.density_percent_sol   40.02 
_exptl_crystal.description           ? 
# 
_exptl_crystal_grow.crystal_id      1 
_exptl_crystal_grow.method          'VAPOR DIFFUSION, HANGING DROP' 
_exptl_crystal_grow.temp            291 
_exptl_crystal_grow.temp_details    ? 
_exptl_crystal_grow.pH              7.5 
_exptl_crystal_grow.pdbx_details    
'sodium chloride, PEG 3350, potassium iodide, pH 7.5, VAPOR DIFFUSION, HANGING DROP, temperature 291K' 
_exptl_crystal_grow.pdbx_pH_range   . 
# 
_diffrn.id                     1 
_diffrn.ambient_temp           100 
_diffrn.ambient_temp_details   ? 
_diffrn.crystal_id             1 
# 
_diffrn_detector.diffrn_id              1 
_diffrn_detector.detector               CCD 
_diffrn_detector.type                   'ADSC QUANTUM 4' 
_diffrn_detector.pdbx_collection_date   ? 
_diffrn_detector.details                ? 
# 
_diffrn_radiation.diffrn_id                        1 
_diffrn_radiation.wavelength_id                    1 
_diffrn_radiation.pdbx_monochromatic_or_laue_m_l   M 
_diffrn_radiation.monochromator                    'SAGITALLY FOCUSED Si(111)' 
_diffrn_radiation.pdbx_diffrn_protocol             'SINGLE WAVELENGTH' 
_diffrn_radiation.pdbx_scattering_type             x-ray 
# 
_diffrn_radiation_wavelength.id           1 
_diffrn_radiation_wavelength.wavelength   0.9184 
_diffrn_radiation_wavelength.wt           1.0 
# 
_diffrn_source.diffrn_id                   1 
_diffrn_source.source                      SYNCHROTRON 
_diffrn_source.type                        'ESRF BEAMLINE BM14' 
_diffrn_source.pdbx_synchrotron_site       ESRF 
_diffrn_source.pdbx_synchrotron_beamline   BM14 
_diffrn_source.pdbx_wavelength             ? 
_diffrn_source.pdbx_wavelength_list        0.9184 
# 
_reflns.entry_id                     1OV9 
_reflns.observed_criterion_sigma_I   ? 
_reflns.observed_criterion_sigma_F   ? 
_reflns.d_resolution_low             50.69 
_reflns.d_resolution_high            2.3 
_reflns.number_obs                   3894 
_reflns.number_all                   3894 
_reflns.percent_possible_obs         88.8 
_reflns.pdbx_Rmerge_I_obs            0.1 
_reflns.pdbx_Rsym_value              0.085 
_reflns.pdbx_netI_over_sigmaI        7.0 
_reflns.B_iso_Wilson_estimate        43.0 
_reflns.pdbx_redundancy              3.1 
_reflns.R_free_details               ? 
_reflns.limit_h_max                  ? 
_reflns.limit_h_min                  ? 
_reflns.limit_k_max                  ? 
_reflns.limit_k_min                  ? 
_reflns.limit_l_max                  ? 
_reflns.limit_l_min                  ? 
_reflns.observed_criterion_F_max     ? 
_reflns.observed_criterion_F_min     ? 
_reflns.pdbx_diffrn_id               1 
_reflns.pdbx_ordinal                 1 
# 
_reflns_shell.d_res_high             2.3 
_reflns_shell.d_res_low              2.42 
_reflns_shell.percent_possible_all   90.8 
_reflns_shell.Rmerge_I_obs           0.67 
_reflns_shell.pdbx_Rsym_value        0.57 
_reflns_shell.meanI_over_sigI_obs    1.2 
_reflns_shell.pdbx_redundancy        2.8 
_reflns_shell.percent_possible_obs   ? 
_reflns_shell.number_unique_all      569 
_reflns_shell.pdbx_diffrn_id         ? 
_reflns_shell.pdbx_ordinal           1 
# 
_refine.entry_id                                 1OV9 
_refine.ls_number_reflns_obs                     3894 
_refine.ls_number_reflns_all                     3894 
_refine.pdbx_ls_sigma_I                          0.0 
_refine.pdbx_ls_sigma_F                          0.0 
_refine.pdbx_data_cutoff_high_absF               ? 
_refine.pdbx_data_cutoff_low_absF                ? 
_refine.ls_d_res_low                             50.0 
_refine.ls_d_res_high                            2.3 
_refine.ls_percent_reflns_obs                    88.8 
_refine.ls_R_factor_obs                          0.258 
_refine.ls_R_factor_all                          0.258 
_refine.ls_R_factor_R_work                       0.233 
_refine.ls_R_factor_R_free                       0.269 
_refine.ls_R_factor_R_free_error                 ? 
_refine.ls_R_factor_R_free_error_details         ? 
_refine.ls_percent_reflns_R_free                 11 
_refine.ls_number_reflns_R_free                  482 
_refine.ls_number_parameters                     ? 
_refine.ls_number_restraints                     ? 
_refine.occupancy_min                            ? 
_refine.occupancy_max                            ? 
_refine.B_iso_mean                               50.0 
_refine.aniso_B[1][1]                            ? 
_refine.aniso_B[2][2]                            ? 
_refine.aniso_B[3][3]                            ? 
_refine.aniso_B[1][2]                            ? 
_refine.aniso_B[1][3]                            ? 
_refine.aniso_B[2][3]                            ? 
_refine.solvent_model_details                    ? 
_refine.solvent_model_param_ksol                 ? 
_refine.solvent_model_param_bsol                 ? 
_refine.pdbx_ls_cross_valid_method               'Maximum likelihood' 
_refine.details                                  ? 
_refine.pdbx_starting_model                      'PDB entry 1NI8' 
_refine.pdbx_method_to_determine_struct          'MOLECULAR REPLACEMENT' 
_refine.pdbx_isotropic_thermal_model             isotropic 
_refine.pdbx_stereochemistry_target_values       'Engh & Huber' 
_refine.pdbx_stereochem_target_val_spec_case     ? 
_refine.pdbx_R_Free_selection_details            Random 
_refine.pdbx_overall_ESU_R_Free                  ? 
_refine.overall_SU_B                             ? 
_refine.ls_redundancy_reflns_obs                 ? 
_refine.B_iso_min                                ? 
_refine.B_iso_max                                ? 
_refine.correlation_coeff_Fo_to_Fc               ? 
_refine.overall_SU_R_Cruickshank_DPI             ? 
_refine.overall_SU_R_free                        ? 
_refine.overall_SU_ML                            ? 
_refine.pdbx_overall_ESU_R                       ? 
_refine.pdbx_data_cutoff_high_rms_absF           ? 
_refine.correlation_coeff_Fo_to_Fc_free          ? 
_refine.pdbx_solvent_vdw_probe_radii             ? 
_refine.pdbx_solvent_ion_probe_radii             ? 
_refine.pdbx_solvent_shrinkage_radii             ? 
_refine.pdbx_refine_id                           'X-RAY DIFFRACTION' 
_refine.pdbx_diffrn_id                           1 
_refine.pdbx_TLS_residual_ADP_flag               ? 
_refine.pdbx_overall_phase_error                 ? 
_refine.pdbx_overall_SU_R_free_Cruickshank_DPI   ? 
_refine.pdbx_overall_SU_R_Blow_DPI               ? 
_refine.pdbx_overall_SU_R_free_Blow_DPI          ? 
# 
_refine_hist.pdbx_refine_id                   'X-RAY DIFFRACTION' 
_refine_hist.cycle_id                         LAST 
_refine_hist.pdbx_number_atoms_protein        752 
_refine_hist.pdbx_number_atoms_nucleic_acid   0 
_refine_hist.pdbx_number_atoms_ligand         0 
_refine_hist.number_atoms_solvent             47 
_refine_hist.number_atoms_total               799 
_refine_hist.d_res_high                       2.3 
_refine_hist.d_res_low                        50.0 
# 
loop_
_refine_ls_restr.type 
_refine_ls_restr.dev_ideal 
_refine_ls_restr.dev_ideal_target 
_refine_ls_restr.weight 
_refine_ls_restr.number 
_refine_ls_restr.pdbx_refine_id 
_refine_ls_restr.pdbx_restraint_function 
c_bond_d     0.01  ?   ? ? 'X-RAY DIFFRACTION' ? 
c_angle_d    1.4   ?   ? ? 'X-RAY DIFFRACTION' ? 
c_mcbond_it  2.45  1.5 ? ? 'X-RAY DIFFRACTION' ? 
c_mcangle_it 3.747 2.0 ? ? 'X-RAY DIFFRACTION' ? 
c_scbond_it  3.928 2.0 ? ? 'X-RAY DIFFRACTION' ? 
c_scangle_it 5.747 2.5 ? ? 'X-RAY DIFFRACTION' ? 
# 
_refine_ls_shell.pdbx_total_number_of_bins_used   ? 
_refine_ls_shell.d_res_high                       2.30 
_refine_ls_shell.d_res_low                        2.39 
_refine_ls_shell.number_reflns_R_work             ? 
_refine_ls_shell.R_factor_R_work                  0.317 
_refine_ls_shell.percent_reflns_obs               90.7 
_refine_ls_shell.R_factor_R_free                  0.277 
_refine_ls_shell.R_factor_R_free_error            ? 
_refine_ls_shell.percent_reflns_R_free            ? 
_refine_ls_shell.number_reflns_R_free             60 
_refine_ls_shell.number_reflns_obs                441 
_refine_ls_shell.redundancy_reflns_obs            ? 
_refine_ls_shell.number_reflns_all                ? 
_refine_ls_shell.pdbx_refine_id                   'X-RAY DIFFRACTION' 
_refine_ls_shell.R_factor_all                     ? 
# 
_struct.entry_id                  1OV9 
_struct.title                     
'Crystal structure of the N-terminal dimerisation domain of VicH, the H-NS protein from Vibrio cholerae' 
_struct.pdbx_model_details        ? 
_struct.pdbx_CASP_flag            ? 
_struct.pdbx_model_type_details   ? 
# 
_struct_keywords.entry_id        1OV9 
_struct_keywords.pdbx_keywords   'DNA BINDING PROTEIN' 
_struct_keywords.text            'dimer, helix, coiled-coil, DNA binding protein' 
# 
loop_
_struct_asym.id 
_struct_asym.pdbx_blank_PDB_chainid_flag 
_struct_asym.pdbx_modified 
_struct_asym.entity_id 
_struct_asym.details 
A N N 1 ? 
B N N 1 ? 
C N N 2 ? 
D N N 2 ? 
# 
_struct_biol.id                    1 
_struct_biol.details               
;the biological assembly is the 
dimer of the asymmetric unit.
;
_struct_biol.pdbx_parent_biol_id   ? 
# 
loop_
_struct_conf.conf_type_id 
_struct_conf.id 
_struct_conf.pdbx_PDB_helix_id 
_struct_conf.beg_label_comp_id 
_struct_conf.beg_label_asym_id 
_struct_conf.beg_label_seq_id 
_struct_conf.pdbx_beg_PDB_ins_code 
_struct_conf.end_label_comp_id 
_struct_conf.end_label_asym_id 
_struct_conf.end_label_seq_id 
_struct_conf.pdbx_end_PDB_ins_code 
_struct_conf.beg_auth_comp_id 
_struct_conf.beg_auth_asym_id 
_struct_conf.beg_auth_seq_id 
_struct_conf.end_auth_comp_id 
_struct_conf.end_auth_asym_id 
_struct_conf.end_auth_seq_id 
_struct_conf.pdbx_PDB_helix_class 
_struct_conf.details 
_struct_conf.pdbx_PDB_helix_length 
HELX_P HELX_P1 1 ILE A 3  ? LEU A 8  ? ILE A 3  LEU A 8  1 ? 6  
HELX_P HELX_P2 2 ASN A 9  ? ARG A 18 ? ASN A 9  ARG A 18 1 ? 10 
HELX_P HELX_P3 3 THR A 21 ? GLU A 45 ? THR A 21 GLU A 45 1 ? 25 
HELX_P HELX_P4 4 GLU B 2  ? LEU B 8  ? GLU B 2  LEU B 8  1 ? 7  
HELX_P HELX_P5 5 ASN B 9  ? ARG B 18 ? ASN B 9  ARG B 18 1 ? 10 
HELX_P HELX_P6 6 THR B 21 ? ALA B 44 ? THR B 21 ALA B 44 1 ? 24 
# 
_struct_conf_type.id          HELX_P 
_struct_conf_type.criteria    ? 
_struct_conf_type.reference   ? 
# 
_atom_sites.entry_id                    1OV9 
_atom_sites.fract_transf_matrix[1][1]   0.02386660 
_atom_sites.fract_transf_matrix[1][2]   -0.01254836 
_atom_sites.fract_transf_matrix[1][3]   0.00018758 
_atom_sites.fract_transf_matrix[2][1]   0.00873770 
_atom_sites.fract_transf_matrix[2][2]   0.01649859 
_atom_sites.fract_transf_matrix[2][3]   -0.00804472 
_atom_sites.fract_transf_matrix[3][1]   0.00176063 
_atom_sites.fract_transf_matrix[3][2]   0.00348406 
_atom_sites.fract_transf_matrix[3][3]   0.00905761 
_atom_sites.fract_transf_vector[1]      0.683424 
_atom_sites.fract_transf_vector[2]      0.155364 
_atom_sites.fract_transf_vector[3]      0.822214 
# 
loop_
_atom_type.symbol 
C 
N 
O 
# 
loop_
_atom_site.group_PDB 
_atom_site.id 
_atom_site.type_symbol 
_atom_site.label_atom_id 
_atom_site.label_alt_id 
_atom_site.label_comp_id 
_atom_site.label_asym_id 
_atom_site.label_entity_id 
_atom_site.label_seq_id 
_atom_site.pdbx_PDB_ins_code 
_atom_site.Cartn_x 
_atom_site.Cartn_y 
_atom_site.Cartn_z 
_atom_site.occupancy 
_atom_site.B_iso_or_equiv 
_atom_site.pdbx_formal_charge 
_atom_site.auth_seq_id 
_atom_site.auth_comp_id 
_atom_site.auth_asym_id 
_atom_site.auth_atom_id 
_atom_site.pdbx_PDB_model_num 
ATOM   1   N N   . GLU A 1 2  ? 11.628  7.940   2.721   1.00 78.35  ? 2   GLU A N   1 
ATOM   2   C CA  . GLU A 1 2  ? 12.226  7.019   1.708   1.00 78.28  ? 2   GLU A CA  1 
ATOM   3   C C   . GLU A 1 2  ? 11.205  5.975   1.263   1.00 76.12  ? 2   GLU A C   1 
ATOM   4   O O   . GLU A 1 2  ? 11.219  5.525   0.115   1.00 75.31  ? 2   GLU A O   1 
ATOM   5   C CB  . GLU A 1 2  ? 13.466  6.353   2.296   1.00 80.99  ? 2   GLU A CB  1 
ATOM   6   C CG  . GLU A 1 2  ? 14.519  7.370   2.711   1.00 86.28  ? 2   GLU A CG  1 
ATOM   7   C CD  . GLU A 1 2  ? 15.765  6.732   3.306   1.00 90.14  ? 2   GLU A CD  1 
ATOM   8   O OE1 . GLU A 1 2  ? 15.776  5.499   3.490   1.00 92.46  ? 2   GLU A OE1 1 
ATOM   9   O OE2 . GLU A 1 2  ? 16.737  7.461   3.598   1.00 91.16  ? 2   GLU A OE2 1 
ATOM   10  N N   . ILE A 1 3  ? 10.329  5.587   2.177   1.00 74.36  ? 3   ILE A N   1 
ATOM   11  C CA  . ILE A 1 3  ? 9.263   4.641   1.867   1.00 69.93  ? 3   ILE A CA  1 
ATOM   12  C C   . ILE A 1 3  ? 8.239   5.481   1.099   1.00 68.80  ? 3   ILE A C   1 
ATOM   13  O O   . ILE A 1 3  ? 7.283   4.951   0.519   1.00 68.16  ? 3   ILE A O   1 
ATOM   14  C CB  . ILE A 1 3  ? 8.578   4.100   3.158   1.00 70.77  ? 3   ILE A CB  1 
ATOM   15  C CG1 . ILE A 1 3  ? 9.583   3.341   4.034   1.00 70.44  ? 3   ILE A CG1 1 
ATOM   16  C CG2 . ILE A 1 3  ? 7.394   3.213   2.790   1.00 69.52  ? 3   ILE A CG2 1 
ATOM   17  C CD1 . ILE A 1 3  ? 10.156  2.100   3.409   1.00 70.35  ? 3   ILE A CD1 1 
ATOM   18  N N   . THR A 1 4  ? 8.467   6.791   1.087   1.00 65.52  ? 4   THR A N   1 
ATOM   19  C CA  . THR A 1 4  ? 7.566   7.731   0.446   1.00 64.28  ? 4   THR A CA  1 
ATOM   20  C C   . THR A 1 4  ? 7.699   7.927   -1.065  1.00 63.37  ? 4   THR A C   1 
ATOM   21  O O   . THR A 1 4  ? 6.743   8.293   -1.734  1.00 67.65  ? 4   THR A O   1 
ATOM   22  C CB  . THR A 1 4  ? 7.648   9.121   1.080   1.00 66.67  ? 4   THR A CB  1 
ATOM   23  O OG1 . THR A 1 4  ? 7.847   9.044   2.501   1.00 66.97  ? 4   THR A OG1 1 
ATOM   24  C CG2 . THR A 1 4  ? 6.366   9.795   0.843   1.00 65.21  ? 4   THR A CG2 1 
ATOM   25  N N   . LYS A 1 5  ? 8.885   7.709   -1.617  1.00 60.99  ? 5   LYS A N   1 
ATOM   26  C CA  . LYS A 1 5  ? 9.034   7.877   -3.059  1.00 59.59  ? 5   LYS A CA  1 
ATOM   27  C C   . LYS A 1 5  ? 8.594   6.604   -3.790  1.00 55.84  ? 5   LYS A C   1 
ATOM   28  O O   . LYS A 1 5  ? 8.411   6.582   -5.018  1.00 50.95  ? 5   LYS A O   1 
ATOM   29  C CB  . LYS A 1 5  ? 10.491  8.203   -3.389  1.00 63.89  ? 5   LYS A CB  1 
ATOM   30  C CG  . LYS A 1 5  ? 11.041  9.370   -2.590  1.00 71.88  ? 5   LYS A CG  1 
ATOM   31  C CD  . LYS A 1 5  ? 12.499  9.646   -2.943  1.00 78.70  ? 5   LYS A CD  1 
ATOM   32  C CE  . LYS A 1 5  ? 13.123  10.718  -2.024  1.00 84.04  ? 5   LYS A CE  1 
ATOM   33  N NZ  . LYS A 1 5  ? 13.091  10.377  -0.558  1.00 86.00  ? 5   LYS A NZ  1 
ATOM   34  N N   . THR A 1 6  ? 8.441   5.533   -3.019  1.00 53.04  ? 6   THR A N   1 
ATOM   35  C CA  . THR A 1 6  ? 8.018   4.256   -3.558  1.00 48.30  ? 6   THR A CA  1 
ATOM   36  C C   . THR A 1 6  ? 6.501   4.209   -3.587  1.00 44.21  ? 6   THR A C   1 
ATOM   37  O O   . THR A 1 6  ? 5.898   3.991   -4.633  1.00 44.14  ? 6   THR A O   1 
ATOM   38  C CB  . THR A 1 6  ? 8.577   3.082   -2.724  1.00 48.77  ? 6   THR A CB  1 
ATOM   39  O OG1 . THR A 1 6  ? 10.001  3.044   -2.879  1.00 52.32  ? 6   THR A OG1 1 
ATOM   40  C CG2 . THR A 1 6  ? 8.006   1.736   -3.205  1.00 49.30  ? 6   THR A CG2 1 
ATOM   41  N N   . LEU A 1 7  ? 5.901   4.461   -2.428  1.00 40.35  ? 7   LEU A N   1 
ATOM   42  C CA  . LEU A 1 7  ? 4.466   4.432   -2.292  1.00 38.75  ? 7   LEU A CA  1 
ATOM   43  C C   . LEU A 1 7  ? 3.749   5.423   -3.187  1.00 38.15  ? 7   LEU A C   1 
ATOM   44  O O   . LEU A 1 7  ? 2.653   5.118   -3.662  1.00 38.01  ? 7   LEU A O   1 
ATOM   45  C CB  . LEU A 1 7  ? 4.062   4.703   -0.832  1.00 38.72  ? 7   LEU A CB  1 
ATOM   46  C CG  . LEU A 1 7  ? 4.284   3.653   0.276   1.00 43.02  ? 7   LEU A CG  1 
ATOM   47  C CD1 . LEU A 1 7  ? 3.611   4.120   1.537   1.00 39.70  ? 7   LEU A CD1 1 
ATOM   48  C CD2 . LEU A 1 7  ? 3.672   2.320   -0.084  1.00 41.41  ? 7   LEU A CD2 1 
ATOM   49  N N   . LEU A 1 8  ? 4.342   6.580   -3.425  1.00 36.99  ? 8   LEU A N   1 
ATOM   50  C CA  . LEU A 1 8  ? 3.680   7.610   -4.219  1.00 36.62  ? 8   LEU A CA  1 
ATOM   51  C C   . LEU A 1 8  ? 3.977   7.604   -5.700  1.00 34.76  ? 8   LEU A C   1 
ATOM   52  O O   . LEU A 1 8  ? 3.603   8.519   -6.424  1.00 37.81  ? 8   LEU A O   1 
ATOM   53  C CB  . LEU A 1 8  ? 3.958   9.002   -3.626  1.00 38.06  ? 8   LEU A CB  1 
ATOM   54  C CG  . LEU A 1 8  ? 3.373   9.326   -2.239  1.00 37.73  ? 8   LEU A CG  1 
ATOM   55  C CD1 . LEU A 1 8  ? 3.002   10.772  -2.196  1.00 35.28  ? 8   LEU A CD1 1 
ATOM   56  C CD2 . LEU A 1 8  ? 2.112   8.520   -1.968  1.00 36.97  ? 8   LEU A CD2 1 
ATOM   57  N N   . ASN A 1 9  ? 4.660   6.553   -6.162  1.00 36.14  ? 9   ASN A N   1 
ATOM   58  C CA  . ASN A 1 9  ? 4.964   6.397   -7.582  1.00 36.33  ? 9   ASN A CA  1 
ATOM   59  C C   . ASN A 1 9  ? 4.651   4.943   -7.976  1.00 32.26  ? 9   ASN A C   1 
ATOM   60  O O   . ASN A 1 9  ? 5.294   4.017   -7.521  1.00 34.33  ? 9   ASN A O   1 
ATOM   61  C CB  . ASN A 1 9  ? 6.437   6.714   -7.856  1.00 39.07  ? 9   ASN A CB  1 
ATOM   62  C CG  . ASN A 1 9  ? 6.809   6.625   -9.343  1.00 41.27  ? 9   ASN A CG  1 
ATOM   63  O OD1 . ASN A 1 9  ? 6.051   6.078   -10.153 1.00 41.28  ? 9   ASN A OD1 1 
ATOM   64  N ND2 . ASN A 1 9  ? 7.979   7.144   -9.691  1.00 40.37  ? 9   ASN A ND2 1 
ATOM   65  N N   . ILE A 1 10 ? 3.647   4.748   -8.823  1.00 34.10  ? 10  ILE A N   1 
ATOM   66  C CA  . ILE A 1 10 ? 3.276   3.403   -9.226  1.00 36.23  ? 10  ILE A CA  1 
ATOM   67  C C   . ILE A 1 10 ? 4.431   2.556   -9.817  1.00 38.79  ? 10  ILE A C   1 
ATOM   68  O O   . ILE A 1 10 ? 4.531   1.358   -9.532  1.00 35.92  ? 10  ILE A O   1 
ATOM   69  C CB  . ILE A 1 10 ? 2.106   3.471   -10.222 1.00 37.34  ? 10  ILE A CB  1 
ATOM   70  C CG1 . ILE A 1 10 ? 1.446   2.100   -10.385 1.00 39.79  ? 10  ILE A CG1 1 
ATOM   71  C CG2 . ILE A 1 10 ? 2.606   3.880   -11.580 1.00 47.97  ? 10  ILE A CG2 1 
ATOM   72  C CD1 . ILE A 1 10 ? 0.699   1.643   -9.178  1.00 39.28  ? 10  ILE A CD1 1 
ATOM   73  N N   . ARG A 1 11 ? 5.319   3.164   -10.614 1.00 38.73  ? 11  ARG A N   1 
ATOM   74  C CA  . ARG A 1 11 ? 6.429   2.430   -11.230 1.00 42.44  ? 11  ARG A CA  1 
ATOM   75  C C   . ARG A 1 11 ? 7.357   1.822   -10.188 1.00 40.18  ? 11  ARG A C   1 
ATOM   76  O O   . ARG A 1 11 ? 7.744   0.664   -10.280 1.00 39.94  ? 11  ARG A O   1 
ATOM   77  C CB  . ARG A 1 11 ? 7.249   3.335   -12.165 1.00 48.00  ? 11  ARG A CB  1 
ATOM   78  C CG  . ARG A 1 11 ? 6.467   3.955   -13.327 1.00 53.96  ? 11  ARG A CG  1 
ATOM   79  C CD  . ARG A 1 11 ? 6.077   2.914   -14.345 1.00 67.72  ? 11  ARG A CD  1 
ATOM   80  N NE  . ARG A 1 11 ? 5.283   3.479   -15.436 1.00 77.29  ? 11  ARG A NE  1 
ATOM   81  C CZ  . ARG A 1 11 ? 4.899   2.808   -16.521 1.00 81.86  ? 11  ARG A CZ  1 
ATOM   82  N NH1 . ARG A 1 11 ? 5.226   1.525   -16.679 1.00 85.60  ? 11  ARG A NH1 1 
ATOM   83  N NH2 . ARG A 1 11 ? 4.152   3.404   -17.435 1.00 84.03  ? 11  ARG A NH2 1 
ATOM   84  N N   . SER A 1 12 ? 7.714   2.613   -9.191  1.00 41.65  ? 12  SER A N   1 
ATOM   85  C CA  . SER A 1 12 ? 8.597   2.121   -8.149  1.00 35.90  ? 12  SER A CA  1 
ATOM   86  C C   . SER A 1 12 ? 7.846   1.145   -7.252  1.00 34.73  ? 12  SER A C   1 
ATOM   87  O O   . SER A 1 12 ? 8.394   0.123   -6.802  1.00 33.29  ? 12  SER A O   1 
ATOM   88  C CB  . SER A 1 12 ? 9.084   3.302   -7.321  1.00 36.09  ? 12  SER A CB  1 
ATOM   89  O OG  . SER A 1 12 ? 9.652   4.287   -8.162  1.00 44.50  ? 12  SER A OG  1 
ATOM   90  N N   . LEU A 1 13 ? 6.591   1.462   -6.976  1.00 30.73  ? 13  LEU A N   1 
ATOM   91  C CA  . LEU A 1 13 ? 5.806   0.596   -6.111  1.00 33.77  ? 13  LEU A CA  1 
ATOM   92  C C   . LEU A 1 13 ? 5.680   -0.782  -6.757  1.00 32.34  ? 13  LEU A C   1 
ATOM   93  O O   . LEU A 1 13 ? 5.807   -1.797  -6.085  1.00 28.93  ? 13  LEU A O   1 
ATOM   94  C CB  . LEU A 1 13 ? 4.423   1.199   -5.862  1.00 35.25  ? 13  LEU A CB  1 
ATOM   95  C CG  . LEU A 1 13 ? 3.486   0.547   -4.846  1.00 36.03  ? 13  LEU A CG  1 
ATOM   96  C CD1 . LEU A 1 13 ? 4.211   0.303   -3.512  1.00 34.98  ? 13  LEU A CD1 1 
ATOM   97  C CD2 . LEU A 1 13 ? 2.304   1.498   -4.636  1.00 35.11  ? 13  LEU A CD2 1 
ATOM   98  N N   . ARG A 1 14 ? 5.425   -0.789  -8.058  1.00 31.10  ? 14  ARG A N   1 
ATOM   99  C CA  . ARG A 1 14 ? 5.287   -2.001  -8.871  1.00 36.69  ? 14  ARG A CA  1 
ATOM   100 C C   . ARG A 1 14 ? 6.600   -2.826  -8.859  1.00 37.77  ? 14  ARG A C   1 
ATOM   101 O O   . ARG A 1 14 ? 6.589   -4.047  -8.690  1.00 34.62  ? 14  ARG A O   1 
ATOM   102 C CB  . ARG A 1 14 ? 4.951   -1.574  -10.302 1.00 41.54  ? 14  ARG A CB  1 
ATOM   103 C CG  . ARG A 1 14 ? 4.283   -2.601  -11.183 1.00 50.50  ? 14  ARG A CG  1 
ATOM   104 C CD  . ARG A 1 14 ? 5.012   -2.656  -12.518 1.00 57.24  ? 14  ARG A CD  1 
ATOM   105 N NE  . ARG A 1 14 ? 4.239   -2.173  -13.662 1.00 62.96  ? 14  ARG A NE  1 
ATOM   106 C CZ  . ARG A 1 14 ? 4.718   -2.116  -14.896 1.00 67.49  ? 14  ARG A CZ  1 
ATOM   107 N NH1 . ARG A 1 14 ? 5.962   -2.531  -15.143 1.00 68.75  ? 14  ARG A NH1 1 
ATOM   108 N NH2 . ARG A 1 14 ? 3.962   -1.676  -15.899 1.00 68.28  ? 14  ARG A NH2 1 
ATOM   109 N N   . ALA A 1 15 ? 7.734   -2.156  -9.062  1.00 34.77  ? 15  ALA A N   1 
ATOM   110 C CA  . ALA A 1 15 ? 9.038   -2.816  -9.038  1.00 35.06  ? 15  ALA A CA  1 
ATOM   111 C C   . ALA A 1 15 ? 9.306   -3.430  -7.642  1.00 33.69  ? 15  ALA A C   1 
ATOM   112 O O   . ALA A 1 15 ? 9.706   -4.586  -7.512  1.00 33.20  ? 15  ALA A O   1 
ATOM   113 C CB  . ALA A 1 15 ? 10.141  -1.810  -9.402  1.00 32.93  ? 15  ALA A CB  1 
ATOM   114 N N   . TYR A 1 16 ? 9.101   -2.640  -6.595  1.00 32.20  ? 16  TYR A N   1 
ATOM   115 C CA  . TYR A 1 16 ? 9.290   -3.156  -5.243  1.00 33.10  ? 16  TYR A CA  1 
ATOM   116 C C   . TYR A 1 16 ? 8.306   -4.324  -4.967  1.00 35.33  ? 16  TYR A C   1 
ATOM   117 O O   . TYR A 1 16 ? 8.673   -5.309  -4.322  1.00 33.20  ? 16  TYR A O   1 
ATOM   118 C CB  . TYR A 1 16 ? 9.058   -2.039  -4.225  1.00 35.88  ? 16  TYR A CB  1 
ATOM   119 C CG  . TYR A 1 16 ? 8.612   -2.578  -2.891  1.00 40.52  ? 16  TYR A CG  1 
ATOM   120 C CD1 . TYR A 1 16 ? 9.516   -3.206  -2.030  1.00 42.76  ? 16  TYR A CD1 1 
ATOM   121 C CD2 . TYR A 1 16 ? 7.265   -2.565  -2.538  1.00 38.59  ? 16  TYR A CD2 1 
ATOM   122 C CE1 . TYR A 1 16 ? 9.092   -3.810  -0.858  1.00 45.82  ? 16  TYR A CE1 1 
ATOM   123 C CE2 . TYR A 1 16 ? 6.828   -3.168  -1.368  1.00 41.96  ? 16  TYR A CE2 1 
ATOM   124 C CZ  . TYR A 1 16 ? 7.744   -3.792  -0.531  1.00 43.39  ? 16  TYR A CZ  1 
ATOM   125 O OH  . TYR A 1 16 ? 7.314   -4.362  0.653   1.00 42.24  ? 16  TYR A OH  1 
ATOM   126 N N   . ALA A 1 17 ? 7.075   -4.202  -5.456  1.00 34.78  ? 17  ALA A N   1 
ATOM   127 C CA  . ALA A 1 17 ? 6.037   -5.221  -5.287  1.00 36.20  ? 17  ALA A CA  1 
ATOM   128 C C   . ALA A 1 17 ? 6.432   -6.627  -5.785  1.00 33.76  ? 17  ALA A C   1 
ATOM   129 O O   . ALA A 1 17 ? 5.901   -7.635  -5.312  1.00 36.07  ? 17  ALA A O   1 
ATOM   130 C CB  . ALA A 1 17 ? 4.771   -4.777  -5.974  1.00 34.27  ? 17  ALA A CB  1 
ATOM   131 N N   . ARG A 1 18 ? 7.377   -6.701  -6.723  1.00 30.89  ? 18  ARG A N   1 
ATOM   132 C CA  . ARG A 1 18 ? 7.804   -8.000  -7.254  1.00 29.21  ? 18  ARG A CA  1 
ATOM   133 C C   . ARG A 1 18 ? 8.388   -8.884  -6.142  1.00 28.58  ? 18  ARG A C   1 
ATOM   134 O O   . ARG A 1 18 ? 8.372   -10.112 -6.228  1.00 25.99  ? 18  ARG A O   1 
ATOM   135 C CB  . ARG A 1 18 ? 8.840   -7.808  -8.376  1.00 30.22  ? 18  ARG A CB  1 
ATOM   136 C CG  . ARG A 1 18 ? 8.360   -6.942  -9.537  1.00 28.48  ? 18  ARG A CG  1 
ATOM   137 C CD  . ARG A 1 18 ? 7.316   -7.655  -10.404 1.00 31.28  ? 18  ARG A CD  1 
ATOM   138 N NE  . ARG A 1 18 ? 6.843   -6.799  -11.498 1.00 28.98  ? 18  ARG A NE  1 
ATOM   139 C CZ  . ARG A 1 18 ? 5.964   -7.186  -12.418 1.00 32.40  ? 18  ARG A CZ  1 
ATOM   140 N NH1 . ARG A 1 18 ? 5.478   -8.420  -12.376 1.00 30.01  ? 18  ARG A NH1 1 
ATOM   141 N NH2 . ARG A 1 18 ? 5.602   -6.359  -13.396 1.00 31.13  ? 18  ARG A NH2 1 
ATOM   142 N N   . GLU A 1 19 ? 8.887   -8.285  -5.091  1.00 28.68  ? 19  GLU A N   1 
ATOM   143 C CA  . GLU A 1 19 ? 9.427   -9.128  -4.044  1.00 31.38  ? 19  GLU A CA  1 
ATOM   144 C C   . GLU A 1 19 ? 8.338   -9.679  -3.076  1.00 34.70  ? 19  GLU A C   1 
ATOM   145 O O   . GLU A 1 19 ? 8.674   -10.302 -2.051  1.00 33.90  ? 19  GLU A O   1 
ATOM   146 C CB  . GLU A 1 19 ? 10.523  -8.364  -3.277  1.00 32.13  ? 19  GLU A CB  1 
ATOM   147 C CG  . GLU A 1 19 ? 10.083  -7.374  -2.218  1.00 41.58  ? 19  GLU A CG  1 
ATOM   148 C CD  . GLU A 1 19 ? 11.273  -6.927  -1.306  1.00 50.70  ? 19  GLU A CD  1 
ATOM   149 O OE1 . GLU A 1 19 ? 11.118  -6.008  -0.466  1.00 52.05  ? 19  GLU A OE1 1 
ATOM   150 O OE2 . GLU A 1 19 ? 12.383  -7.495  -1.418  1.00 53.96  ? 19  GLU A OE2 1 
ATOM   151 N N   . LEU A 1 20 ? 7.064   -9.531  -3.420  1.00 29.82  ? 20  LEU A N   1 
ATOM   152 C CA  . LEU A 1 20 ? 5.997   -9.919  -2.506  1.00 27.39  ? 20  LEU A CA  1 
ATOM   153 C C   . LEU A 1 20 ? 5.032   -10.755 -3.261  1.00 24.55  ? 20  LEU A C   1 
ATOM   154 O O   . LEU A 1 20 ? 4.992   -10.652 -4.472  1.00 25.27  ? 20  LEU A O   1 
ATOM   155 C CB  . LEU A 1 20 ? 5.297   -8.659  -1.961  1.00 28.92  ? 20  LEU A CB  1 
ATOM   156 C CG  . LEU A 1 20 ? 6.150   -7.788  -1.016  1.00 30.46  ? 20  LEU A CG  1 
ATOM   157 C CD1 . LEU A 1 20 ? 5.364   -6.621  -0.468  1.00 31.79  ? 20  LEU A CD1 1 
ATOM   158 C CD2 . LEU A 1 20 ? 6.644   -8.651  0.156   1.00 33.29  ? 20  LEU A CD2 1 
ATOM   159 N N   . THR A 1 21 ? 4.283   -11.586 -2.548  1.00 23.44  ? 21  THR A N   1 
ATOM   160 C CA  . THR A 1 21 ? 3.315   -12.445 -3.197  1.00 29.69  ? 21  THR A CA  1 
ATOM   161 C C   . THR A 1 21 ? 1.995   -11.701 -3.195  1.00 28.32  ? 21  THR A C   1 
ATOM   162 O O   . THR A 1 21 ? 1.853   -10.716 -2.472  1.00 28.18  ? 21  THR A O   1 
ATOM   163 C CB  . THR A 1 21 ? 3.105   -13.760 -2.432  1.00 33.20  ? 21  THR A CB  1 
ATOM   164 O OG1 . THR A 1 21 ? 2.661   -13.447 -1.107  1.00 36.57  ? 21  THR A OG1 1 
ATOM   165 C CG2 . THR A 1 21 ? 4.422   -14.619 -2.388  1.00 31.69  ? 21  THR A CG2 1 
ATOM   166 N N   . ILE A 1 22 ? 1.054   -12.185 -3.985  1.00 26.62  ? 22  ILE A N   1 
ATOM   167 C CA  . ILE A 1 22 ? -0.245  -11.539 -4.065  1.00 30.61  ? 22  ILE A CA  1 
ATOM   168 C C   . ILE A 1 22 ? -0.944  -11.534 -2.733  1.00 31.94  ? 22  ILE A C   1 
ATOM   169 O O   . ILE A 1 22 ? -1.622  -10.559 -2.409  1.00 35.06  ? 22  ILE A O   1 
ATOM   170 C CB  . ILE A 1 22 ? -1.148  -12.142 -5.164  1.00 32.16  ? 22  ILE A CB  1 
ATOM   171 C CG1 . ILE A 1 22 ? -0.419  -12.001 -6.503  1.00 36.48  ? 22  ILE A CG1 1 
ATOM   172 C CG2 . ILE A 1 22 ? -2.482  -11.321 -5.284  1.00 35.36  ? 22  ILE A CG2 1 
ATOM   173 C CD1 . ILE A 1 22 ? -1.287  -12.135 -7.754  1.00 40.77  ? 22  ILE A CD1 1 
ATOM   174 N N   . GLU A 1 23 ? -0.743  -12.585 -1.943  1.00 32.32  ? 23  GLU A N   1 
ATOM   175 C CA  . GLU A 1 23 ? -1.346  -12.642 -0.620  1.00 35.56  ? 23  GLU A CA  1 
ATOM   176 C C   . GLU A 1 23 ? -0.693  -11.593 0.266   1.00 36.60  ? 23  GLU A C   1 
ATOM   177 O O   . GLU A 1 23 ? -1.372  -10.875 1.008   1.00 36.92  ? 23  GLU A O   1 
ATOM   178 C CB  . GLU A 1 23 ? -1.181  -14.036 0.007   1.00 35.59  ? 23  GLU A CB  1 
ATOM   179 C CG  . GLU A 1 23 ? -1.920  -15.142 -0.701  1.00 39.97  ? 23  GLU A CG  1 
ATOM   180 C CD  . GLU A 1 23 ? -1.247  -15.588 -1.998  1.00 42.66  ? 23  GLU A CD  1 
ATOM   181 O OE1 . GLU A 1 23 ? -0.001  -15.722 -2.031  1.00 43.08  ? 23  GLU A OE1 1 
ATOM   182 O OE2 . GLU A 1 23 ? -1.967  -15.827 -2.984  1.00 40.05  ? 23  GLU A OE2 1 
ATOM   183 N N   . GLN A 1 24 ? 0.650   -11.476 0.211   1.00 33.36  ? 24  GLN A N   1 
ATOM   184 C CA  . GLN A 1 24 ? 1.318   -10.454 1.030   1.00 35.13  ? 24  GLN A CA  1 
ATOM   185 C C   . GLN A 1 24 ? 0.868   -9.063  0.595   1.00 27.68  ? 24  GLN A C   1 
ATOM   186 O O   . GLN A 1 24 ? 0.688   -8.193  1.430   1.00 26.43  ? 24  GLN A O   1 
ATOM   187 C CB  . GLN A 1 24 ? 2.845   -10.530 0.911   1.00 34.77  ? 24  GLN A CB  1 
ATOM   188 C CG  . GLN A 1 24 ? 3.405   -11.897 1.183   1.00 41.44  ? 24  GLN A CG  1 
ATOM   189 C CD  . GLN A 1 24 ? 4.884   -11.983 0.885   1.00 39.90  ? 24  GLN A CD  1 
ATOM   190 O OE1 . GLN A 1 24 ? 5.713   -11.556 1.679   1.00 49.12  ? 24  GLN A OE1 1 
ATOM   191 N NE2 . GLN A 1 24 ? 5.228   -12.522 -0.273  1.00 38.97  ? 24  GLN A NE2 1 
ATOM   192 N N   . LEU A 1 25 ? 0.699   -8.860  -0.694  1.00 30.73  ? 25  LEU A N   1 
ATOM   193 C CA  . LEU A 1 25 ? 0.248   -7.564  -1.209  1.00 36.31  ? 25  LEU A CA  1 
ATOM   194 C C   . LEU A 1 25 ? -1.159  -7.241  -0.703  1.00 32.92  ? 25  LEU A C   1 
ATOM   195 O O   . LEU A 1 25 ? -1.478  -6.090  -0.412  1.00 32.17  ? 25  LEU A O   1 
ATOM   196 C CB  . LEU A 1 25 ? 0.277   -7.567  -2.733  1.00 40.54  ? 25  LEU A CB  1 
ATOM   197 C CG  . LEU A 1 25 ? 1.687   -7.736  -3.288  1.00 41.50  ? 25  LEU A CG  1 
ATOM   198 C CD1 . LEU A 1 25 ? 1.638   -7.881  -4.786  1.00 42.27  ? 25  LEU A CD1 1 
ATOM   199 C CD2 . LEU A 1 25 ? 2.517   -6.529  -2.895  1.00 46.53  ? 25  LEU A CD2 1 
ATOM   200 N N   . GLU A 1 26 ? -1.998  -8.259  -0.577  1.00 34.06  ? 26  GLU A N   1 
ATOM   201 C CA  . GLU A 1 26 ? -3.348  -8.071  -0.092  1.00 32.83  ? 26  GLU A CA  1 
ATOM   202 C C   . GLU A 1 26 ? -3.283  -7.726  1.392   1.00 34.79  ? 26  GLU A C   1 
ATOM   203 O O   . GLU A 1 26 ? -4.119  -6.973  1.897   1.00 37.62  ? 26  GLU A O   1 
ATOM   204 C CB  . GLU A 1 26 ? -4.177  -9.330  -0.308  1.00 36.93  ? 26  GLU A CB  1 
ATOM   205 C CG  . GLU A 1 26 ? -4.515  -9.615  -1.767  1.00 39.45  ? 26  GLU A CG  1 
ATOM   206 C CD  . GLU A 1 26 ? -5.962  -10.065 -1.959  1.00 45.22  ? 26  GLU A CD  1 
ATOM   207 O OE1 . GLU A 1 26 ? -6.288  -10.599 -3.050  1.00 35.85  ? 26  GLU A OE1 1 
ATOM   208 O OE2 . GLU A 1 26 ? -6.776  -9.872  -1.013  1.00 50.17  ? 26  GLU A OE2 1 
ATOM   209 N N   . GLU A 1 27 ? -2.292  -8.271  2.091   1.00 33.00  ? 27  GLU A N   1 
ATOM   210 C CA  . GLU A 1 27 ? -2.151  -7.953  3.519   1.00 31.14  ? 27  GLU A CA  1 
ATOM   211 C C   . GLU A 1 27 ? -1.683  -6.493  3.693   1.00 30.90  ? 27  GLU A C   1 
ATOM   212 O O   . GLU A 1 27 ? -2.152  -5.770  4.590   1.00 26.22  ? 27  GLU A O   1 
ATOM   213 C CB  . GLU A 1 27 ? -1.121  -8.879  4.187   1.00 34.25  ? 27  GLU A CB  1 
ATOM   214 C CG  . GLU A 1 27 ? -1.321  -9.047  5.699   1.00 42.10  ? 27  GLU A CG  1 
ATOM   215 C CD  . GLU A 1 27 ? -0.063  -9.512  6.438   1.00 44.80  ? 27  GLU A CD  1 
ATOM   216 O OE1 . GLU A 1 27 ? 0.614   -10.449 5.955   1.00 50.84  ? 27  GLU A OE1 1 
ATOM   217 O OE2 . GLU A 1 27 ? 0.247   -8.944  7.511   1.00 45.58  ? 27  GLU A OE2 1 
ATOM   218 N N   . ALA A 1 28 ? -0.748  -6.063  2.851   1.00 29.60  ? 28  ALA A N   1 
ATOM   219 C CA  . ALA A 1 28 ? -0.211  -4.703  2.938   1.00 29.10  ? 28  ALA A CA  1 
ATOM   220 C C   . ALA A 1 28 ? -1.328  -3.717  2.669   1.00 25.07  ? 28  ALA A C   1 
ATOM   221 O O   . ALA A 1 28 ? -1.398  -2.644  3.239   1.00 29.72  ? 28  ALA A O   1 
ATOM   222 C CB  . ALA A 1 28 ? 0.935   -4.502  1.921   1.00 24.21  ? 28  ALA A CB  1 
ATOM   223 N N   . LEU A 1 29 ? -2.212  -4.105  1.754   1.00 25.55  ? 29  LEU A N   1 
ATOM   224 C CA  . LEU A 1 29 ? -3.340  -3.268  1.396   1.00 28.00  ? 29  LEU A CA  1 
ATOM   225 C C   . LEU A 1 29 ? -4.303  -3.130  2.597   1.00 26.99  ? 29  LEU A C   1 
ATOM   226 O O   . LEU A 1 29 ? -4.776  -2.028  2.916   1.00 25.68  ? 29  LEU A O   1 
ATOM   227 C CB  . LEU A 1 29 ? -4.039  -3.896  0.178   1.00 26.72  ? 29  LEU A CB  1 
ATOM   228 C CG  . LEU A 1 29 ? -4.988  -2.990  -0.611  1.00 31.14  ? 29  LEU A CG  1 
ATOM   229 C CD1 . LEU A 1 29 ? -4.327  -1.629  -0.840  1.00 28.76  ? 29  LEU A CD1 1 
ATOM   230 C CD2 . LEU A 1 29 ? -5.360  -3.653  -1.947  1.00 27.31  ? 29  LEU A CD2 1 
ATOM   231 N N   . ASP A 1 30 ? -4.587  -4.237  3.273   1.00 22.80  ? 30  ASP A N   1 
ATOM   232 C CA  . ASP A 1 30 ? -5.467  -4.176  4.425   1.00 23.12  ? 30  ASP A CA  1 
ATOM   233 C C   . ASP A 1 30 ? -4.862  -3.312  5.489   1.00 23.09  ? 30  ASP A C   1 
ATOM   234 O O   . ASP A 1 30 ? -5.551  -2.498  6.090   1.00 27.58  ? 30  ASP A O   1 
ATOM   235 C CB  . ASP A 1 30 ? -5.746  -5.556  5.005   1.00 27.49  ? 30  ASP A CB  1 
ATOM   236 C CG  . ASP A 1 30 ? -6.569  -6.406  4.065   1.00 28.28  ? 30  ASP A CG  1 
ATOM   237 O OD1 . ASP A 1 30 ? -7.388  -5.857  3.313   1.00 34.59  ? 30  ASP A OD1 1 
ATOM   238 O OD2 . ASP A 1 30 ? -6.403  -7.634  4.068   1.00 36.37  ? 30  ASP A OD2 1 
ATOM   239 N N   . LYS A 1 31 ? -3.573  -3.485  5.729   1.00 26.62  ? 31  LYS A N   1 
ATOM   240 C CA  . LYS A 1 31 ? -2.922  -2.653  6.743   1.00 28.67  ? 31  LYS A CA  1 
ATOM   241 C C   . LYS A 1 31 ? -2.994  -1.172  6.365   1.00 28.88  ? 31  LYS A C   1 
ATOM   242 O O   . LYS A 1 31 ? -3.496  -0.348  7.144   1.00 30.17  ? 31  LYS A O   1 
ATOM   243 C CB  . LYS A 1 31 ? -1.476  -3.121  6.932   1.00 31.28  ? 31  LYS A CB  1 
ATOM   244 C CG  . LYS A 1 31 ? -1.408  -4.474  7.632   1.00 34.60  ? 31  LYS A CG  1 
ATOM   245 C CD  . LYS A 1 31 ? 0.003   -5.012  7.733   1.00 32.03  ? 31  LYS A CD  1 
ATOM   246 C CE  . LYS A 1 31 ? 0.124   -5.900  8.960   1.00 40.93  ? 31  LYS A CE  1 
ATOM   247 N NZ  . LYS A 1 31 ? -0.893  -6.976  8.983   1.00 40.87  ? 31  LYS A NZ  1 
ATOM   248 N N   . LEU A 1 32 ? -2.539  -0.822  5.169   1.00 26.80  ? 32  LEU A N   1 
ATOM   249 C CA  . LEU A 1 32 ? -2.589  0.570   4.721   1.00 26.77  ? 32  LEU A CA  1 
ATOM   250 C C   . LEU A 1 32 ? -4.039  1.100   4.810   1.00 27.73  ? 32  LEU A C   1 
ATOM   251 O O   . LEU A 1 32 ? -4.286  2.238   5.202   1.00 28.75  ? 32  LEU A O   1 
ATOM   252 C CB  . LEU A 1 32 ? -2.044  0.665   3.287   1.00 27.42  ? 32  LEU A CB  1 
ATOM   253 C CG  . LEU A 1 32 ? -1.868  2.042   2.651   1.00 30.27  ? 32  LEU A CG  1 
ATOM   254 C CD1 . LEU A 1 32 ? -1.200  3.033   3.654   1.00 32.50  ? 32  LEU A CD1 1 
ATOM   255 C CD2 . LEU A 1 32 ? -1.066  1.894   1.394   1.00 21.19  ? 32  LEU A CD2 1 
ATOM   256 N N   . THR A 1 33 ? -4.992  0.262   4.441   1.00 25.34  ? 33  THR A N   1 
ATOM   257 C CA  . THR A 1 33 ? -6.389  0.656   4.520   1.00 25.56  ? 33  THR A CA  1 
ATOM   258 C C   . THR A 1 33 ? -6.694  0.970   5.993   1.00 27.43  ? 33  THR A C   1 
ATOM   259 O O   . THR A 1 33 ? -7.403  1.912   6.310   1.00 29.63  ? 33  THR A O   1 
ATOM   260 C CB  . THR A 1 33 ? -7.280  -0.506  4.096   1.00 29.52  ? 33  THR A CB  1 
ATOM   261 O OG1 . THR A 1 33 ? -7.001  -0.870  2.734   1.00 32.32  ? 33  THR A OG1 1 
ATOM   262 C CG2 . THR A 1 33 ? -8.731  -0.134  4.296   1.00 25.56  ? 33  THR A CG2 1 
ATOM   263 N N   . THR A 1 34 ? -6.157  0.185   6.903   1.00 24.40  ? 34  THR A N   1 
ATOM   264 C CA  . THR A 1 34 ? -6.448  0.427   8.306   1.00 27.21  ? 34  THR A CA  1 
ATOM   265 C C   . THR A 1 34 ? -5.921  1.798   8.804   1.00 33.32  ? 34  THR A C   1 
ATOM   266 O O   . THR A 1 34 ? -6.641  2.574   9.474   1.00 30.05  ? 34  THR A O   1 
ATOM   267 C CB  . THR A 1 34 ? -5.873  -0.734  9.124   1.00 28.23  ? 34  THR A CB  1 
ATOM   268 O OG1 . THR A 1 34 ? -6.420  -1.965  8.636   1.00 30.50  ? 34  THR A OG1 1 
ATOM   269 C CG2 . THR A 1 34 ? -6.201  -0.576  10.583  1.00 28.31  ? 34  THR A CG2 1 
ATOM   270 N N   . VAL A 1 35 ? -4.671  2.099   8.462   1.00 32.85  ? 35  VAL A N   1 
ATOM   271 C CA  . VAL A 1 35 ? -4.016  3.336   8.846   1.00 31.89  ? 35  VAL A CA  1 
ATOM   272 C C   . VAL A 1 35 ? -4.806  4.515   8.307   1.00 34.61  ? 35  VAL A C   1 
ATOM   273 O O   . VAL A 1 35 ? -5.146  5.433   9.060   1.00 35.75  ? 35  VAL A O   1 
ATOM   274 C CB  . VAL A 1 35 ? -2.582  3.392   8.295   1.00 32.99  ? 35  VAL A CB  1 
ATOM   275 C CG1 . VAL A 1 35 ? -2.079  4.789   8.328   1.00 35.26  ? 35  VAL A CG1 1 
ATOM   276 C CG2 . VAL A 1 35 ? -1.680  2.474   9.103   1.00 31.01  ? 35  VAL A CG2 1 
ATOM   277 N N   . VAL A 1 36 ? -5.102  4.480   7.012   1.00 35.04  ? 36  VAL A N   1 
ATOM   278 C CA  . VAL A 1 36 ? -5.878  5.554   6.384   1.00 29.90  ? 36  VAL A CA  1 
ATOM   279 C C   . VAL A 1 36 ? -7.213  5.795   7.091   1.00 30.09  ? 36  VAL A C   1 
ATOM   280 O O   . VAL A 1 36 ? -7.595  6.932   7.346   1.00 31.85  ? 36  VAL A O   1 
ATOM   281 C CB  . VAL A 1 36 ? -6.120  5.245   4.870   1.00 31.76  ? 36  VAL A CB  1 
ATOM   282 C CG1 . VAL A 1 36 ? -7.197  6.178   4.281   1.00 27.01  ? 36  VAL A CG1 1 
ATOM   283 C CG2 . VAL A 1 36 ? -4.818  5.416   4.107   1.00 23.08  ? 36  VAL A CG2 1 
ATOM   284 N N   . GLN A 1 37 ? -7.923  4.723   7.416   1.00 31.45  ? 37  GLN A N   1 
ATOM   285 C CA  . GLN A 1 37 ? -9.224  4.821   8.075   1.00 34.88  ? 37  GLN A CA  1 
ATOM   286 C C   . GLN A 1 37 ? -9.153  5.357   9.487   1.00 37.46  ? 37  GLN A C   1 
ATOM   287 O O   . GLN A 1 37 ? -10.060 6.061   9.935   1.00 39.35  ? 37  GLN A O   1 
ATOM   288 C CB  . GLN A 1 37 ? -9.904  3.448   8.081   1.00 35.38  ? 37  GLN A CB  1 
ATOM   289 C CG  . GLN A 1 37 ? -10.474 3.086   6.714   1.00 38.03  ? 37  GLN A CG  1 
ATOM   290 C CD  . GLN A 1 37 ? -11.667 3.939   6.397   1.00 34.96  ? 37  GLN A CD  1 
ATOM   291 O OE1 . GLN A 1 37 ? -11.915 4.288   5.253   1.00 35.68  ? 37  GLN A OE1 1 
ATOM   292 N NE2 . GLN A 1 37 ? -12.429 4.291   7.422   1.00 33.89  ? 37  GLN A NE2 1 
ATOM   293 N N   . GLU A 1 38 ? -8.084  5.013   10.200  1.00 36.48  ? 38  GLU A N   1 
ATOM   294 C CA  . GLU A 1 38 ? -7.911  5.494   11.564  1.00 37.91  ? 38  GLU A CA  1 
ATOM   295 C C   . GLU A 1 38 ? -7.551  6.967   11.529  1.00 37.04  ? 38  GLU A C   1 
ATOM   296 O O   . GLU A 1 38 ? -7.782  7.683   12.493  1.00 39.78  ? 38  GLU A O   1 
ATOM   297 C CB  . GLU A 1 38 ? -6.810  4.730   12.291  1.00 32.79  ? 38  GLU A CB  1 
ATOM   298 C CG  . GLU A 1 38 ? -7.096  3.270   12.471  1.00 29.64  ? 38  GLU A CG  1 
ATOM   299 C CD  . GLU A 1 38 ? -5.904  2.540   13.004  1.00 29.28  ? 38  GLU A CD  1 
ATOM   300 O OE1 . GLU A 1 38 ? -4.778  3.006   12.748  1.00 33.16  ? 38  GLU A OE1 1 
ATOM   301 O OE2 . GLU A 1 38 ? -6.077  1.502   13.669  1.00 32.52  ? 38  GLU A OE2 1 
ATOM   302 N N   . ARG A 1 39 ? -6.960  7.401   10.418  1.00 36.45  ? 39  ARG A N   1 
ATOM   303 C CA  . ARG A 1 39 ? -6.602  8.801   10.258  1.00 41.43  ? 39  ARG A CA  1 
ATOM   304 C C   . ARG A 1 39 ? -7.794  9.645   9.801   1.00 44.53  ? 39  ARG A C   1 
ATOM   305 O O   . ARG A 1 39 ? -7.769  10.862  9.903   1.00 45.52  ? 39  ARG A O   1 
ATOM   306 C CB  . ARG A 1 39 ? -5.450  8.946   9.268   1.00 44.83  ? 39  ARG A CB  1 
ATOM   307 C CG  . ARG A 1 39 ? -4.096  9.074   9.965   1.00 52.88  ? 39  ARG A CG  1 
ATOM   308 C CD  . ARG A 1 39 ? -3.874  10.513  10.488  1.00 54.79  ? 39  ARG A CD  1 
ATOM   309 N NE  . ARG A 1 39 ? -3.410  11.389  9.410   1.00 56.57  ? 39  ARG A NE  1 
ATOM   310 C CZ  . ARG A 1 39 ? -2.173  11.379  8.924   1.00 56.07  ? 39  ARG A CZ  1 
ATOM   311 N NH1 . ARG A 1 39 ? -1.283  10.481  9.352   1.00 52.74  ? 39  ARG A NH1 1 
ATOM   312 N NH2 . ARG A 1 39 ? -1.868  12.178  7.904   1.00 53.05  ? 39  ARG A NH2 1 
ATOM   313 N N   . LYS A 1 40 ? -8.839  8.999   9.293   1.00 42.86  ? 40  LYS A N   1 
ATOM   314 C CA  . LYS A 1 40 ? -10.028 9.719   8.869   1.00 45.05  ? 40  LYS A CA  1 
ATOM   315 C C   . LYS A 1 40 ? -10.954 9.871   10.074  1.00 44.30  ? 40  LYS A C   1 
ATOM   316 O O   . LYS A 1 40 ? -11.539 10.929  10.277  1.00 41.56  ? 40  LYS A O   1 
ATOM   317 C CB  . LYS A 1 40 ? -10.742 8.952   7.762   1.00 45.92  ? 40  LYS A CB  1 
ATOM   318 C CG  . LYS A 1 40 ? -9.914  8.826   6.505   1.00 52.35  ? 40  LYS A CG  1 
ATOM   319 C CD  . LYS A 1 40 ? -10.597 9.477   5.315   1.00 56.43  ? 40  LYS A CD  1 
ATOM   320 C CE  . LYS A 1 40 ? -11.625 8.561   4.681   1.00 57.68  ? 40  LYS A CE  1 
ATOM   321 N NZ  . LYS A 1 40 ? -10.970 7.346   4.113   1.00 63.31  ? 40  LYS A NZ  1 
ATOM   322 N N   . GLU A 1 41 ? -11.056 8.812   10.862  1.00 47.77  ? 41  GLU A N   1 
ATOM   323 C CA  . GLU A 1 41 ? -11.889 8.790   12.063  1.00 52.20  ? 41  GLU A CA  1 
ATOM   324 C C   . GLU A 1 41 ? -11.354 9.839   13.019  1.00 54.50  ? 41  GLU A C   1 
ATOM   325 O O   . GLU A 1 41 ? -12.080 10.433  13.817  1.00 56.22  ? 41  GLU A O   1 
ATOM   326 C CB  . GLU A 1 41 ? -11.799 7.415   12.718  1.00 49.54  ? 41  GLU A CB  1 
ATOM   327 C CG  . GLU A 1 41 ? -12.549 7.287   14.024  1.00 54.03  ? 41  GLU A CG  1 
ATOM   328 C CD  . GLU A 1 41 ? -11.851 6.351   14.974  1.00 55.97  ? 41  GLU A CD  1 
ATOM   329 O OE1 . GLU A 1 41 ? -11.217 5.402   14.486  1.00 57.23  ? 41  GLU A OE1 1 
ATOM   330 O OE2 . GLU A 1 41 ? -11.931 6.548   16.204  1.00 62.96  ? 41  GLU A OE2 1 
ATOM   331 N N   . ALA A 1 42 ? -10.049 10.058  12.913  1.00 57.28  ? 42  ALA A N   1 
ATOM   332 C CA  . ALA A 1 42 ? -9.345  11.002  13.749  1.00 60.78  ? 42  ALA A CA  1 
ATOM   333 C C   . ALA A 1 42 ? -9.473  12.478  13.306  1.00 62.42  ? 42  ALA A C   1 
ATOM   334 O O   . ALA A 1 42 ? -9.434  13.371  14.159  1.00 62.84  ? 42  ALA A O   1 
ATOM   335 C CB  . ALA A 1 42 ? -7.901  10.601  13.798  1.00 61.06  ? 42  ALA A CB  1 
ATOM   336 N N   . GLU A 1 43 ? -9.613  12.731  12.031  1.00 63.68  ? 43  GLU A N   1 
ATOM   337 C CA  . GLU A 1 43 ? -9.745  14.109  11.546  1.00 65.73  ? 43  GLU A CA  1 
ATOM   338 C C   . GLU A 1 43 ? -11.159 14.627  11.724  1.00 66.61  ? 43  GLU A C   1 
ATOM   339 O O   . GLU A 1 43 ? -11.390 15.829  11.742  1.00 67.58  ? 43  GLU A O   1 
ATOM   340 C CB  . GLU A 1 43 ? -9.370  14.208  10.074  1.00 67.57  ? 43  GLU A CB  1 
ATOM   341 C CG  . GLU A 1 43 ? -8.005  13.652  9.758   1.00 67.07  ? 43  GLU A CG  1 
ATOM   342 C CD  . GLU A 1 43 ? -7.124  14.649  9.050   1.00 69.28  ? 43  GLU A CD  1 
ATOM   343 O OE1 . GLU A 1 43 ? -7.676  15.603  8.457   1.00 70.03  ? 43  GLU A OE1 1 
ATOM   344 O OE2 . GLU A 1 43 ? -5.885  14.471  9.074   1.00 67.74  ? 43  GLU A OE2 1 
ATOM   345 N N   . ALA A 1 44 ? -12.117 13.711  11.851  1.00 68.89  ? 44  ALA A N   1 
ATOM   346 C CA  . ALA A 1 44 ? -13.509 14.096  12.010  1.00 70.48  ? 44  ALA A CA  1 
ATOM   347 C C   . ALA A 1 44 ? -13.903 14.427  13.444  1.00 72.36  ? 44  ALA A C   1 
ATOM   348 O O   . ALA A 1 44 ? -14.812 15.222  13.665  1.00 72.13  ? 44  ALA A O   1 
ATOM   349 C CB  . ALA A 1 44 ? -14.393 13.015  11.474  1.00 69.19  ? 44  ALA A CB  1 
ATOM   350 N N   . GLU A 1 45 ? -13.243 13.803  14.421  1.00 75.39  ? 45  GLU A N   1 
ATOM   351 C CA  . GLU A 1 45 ? -13.547 14.114  15.813  1.00 80.73  ? 45  GLU A CA  1 
ATOM   352 C C   . GLU A 1 45 ? -12.716 15.366  16.102  1.00 82.96  ? 45  GLU A C   1 
ATOM   353 O O   . GLU A 1 45 ? -12.639 15.850  17.234  1.00 84.68  ? 45  GLU A O   1 
ATOM   354 C CB  . GLU A 1 45 ? -13.129 12.971  16.754  1.00 81.87  ? 45  GLU A CB  1 
ATOM   355 C CG  . GLU A 1 45 ? -13.901 11.649  16.622  1.00 85.11  ? 45  GLU A CG  1 
ATOM   356 C CD  . GLU A 1 45 ? -15.417 11.788  16.688  1.00 86.50  ? 45  GLU A CD  1 
ATOM   357 O OE1 . GLU A 1 45 ? -15.932 12.628  17.445  1.00 88.73  ? 45  GLU A OE1 1 
ATOM   358 O OE2 . GLU A 1 45 ? -16.108 11.029  15.983  1.00 87.72  ? 45  GLU A OE2 1 
ATOM   359 N N   . GLU A 1 46 ? -12.134 15.900  15.028  1.00 85.47  ? 46  GLU A N   1 
ATOM   360 C CA  . GLU A 1 46 ? -11.277 17.078  15.091  1.00 87.07  ? 46  GLU A CA  1 
ATOM   361 C C   . GLU A 1 46 ? -11.847 18.231  14.268  1.00 87.80  ? 46  GLU A C   1 
ATOM   362 O O   . GLU A 1 46 ? -12.746 17.999  13.428  1.00 86.01  ? 46  GLU A O   1 
ATOM   363 C CB  . GLU A 1 46 ? -9.892  16.707  14.553  1.00 88.55  ? 46  GLU A CB  1 
ATOM   364 C CG  . GLU A 1 46 ? -8.710  17.356  15.244  1.00 92.00  ? 46  GLU A CG  1 
ATOM   365 C CD  . GLU A 1 46 ? -7.396  16.740  14.794  1.00 95.00  ? 46  GLU A CD  1 
ATOM   366 O OE1 . GLU A 1 46 ? -7.374  15.522  14.508  1.00 95.99  ? 46  GLU A OE1 1 
ATOM   367 O OE2 . GLU A 1 46 ? -6.382  17.465  14.738  1.00 96.57  ? 46  GLU A OE2 1 
ATOM   368 N N   . GLU B 1 2  ? 12.803  -3.803  3.617   1.00 79.02  ? 2   GLU B N   1 
ATOM   369 C CA  . GLU B 1 2  ? 12.686  -2.514  4.356   1.00 78.24  ? 2   GLU B CA  1 
ATOM   370 C C   . GLU B 1 2  ? 11.280  -1.916  4.232   1.00 76.50  ? 2   GLU B C   1 
ATOM   371 O O   . GLU B 1 2  ? 10.653  -1.520  5.222   1.00 75.80  ? 2   GLU B O   1 
ATOM   372 C CB  . GLU B 1 2  ? 13.732  -1.536  3.813   1.00 81.35  ? 2   GLU B CB  1 
ATOM   373 C CG  . GLU B 1 2  ? 13.847  -0.218  4.551   1.00 84.62  ? 2   GLU B CG  1 
ATOM   374 C CD  . GLU B 1 2  ? 14.186  -0.397  6.024   1.00 89.47  ? 2   GLU B CD  1 
ATOM   375 O OE1 . GLU B 1 2  ? 14.602  -1.515  6.415   1.00 90.47  ? 2   GLU B OE1 1 
ATOM   376 O OE2 . GLU B 1 2  ? 14.048  0.588   6.792   1.00 91.07  ? 2   GLU B OE2 1 
ATOM   377 N N   . ILE B 1 3  ? 10.793  -1.833  2.995   1.00 73.41  ? 3   ILE B N   1 
ATOM   378 C CA  . ILE B 1 3  ? 9.465   -1.286  2.801   1.00 70.61  ? 3   ILE B CA  1 
ATOM   379 C C   . ILE B 1 3  ? 8.518   -2.393  3.203   1.00 69.39  ? 3   ILE B C   1 
ATOM   380 O O   . ILE B 1 3  ? 7.420   -2.116  3.668   1.00 70.43  ? 3   ILE B O   1 
ATOM   381 C CB  . ILE B 1 3  ? 9.166   -0.902  1.327   1.00 69.89  ? 3   ILE B CB  1 
ATOM   382 C CG1 . ILE B 1 3  ? 10.121  0.194   0.841   1.00 72.93  ? 3   ILE B CG1 1 
ATOM   383 C CG2 . ILE B 1 3  ? 7.736   -0.389  1.221   1.00 68.25  ? 3   ILE B CG2 1 
ATOM   384 C CD1 . ILE B 1 3  ? 11.547  -0.272  0.599   1.00 75.76  ? 3   ILE B CD1 1 
ATOM   385 N N   . THR B 1 4  ? 8.957   -3.632  3.037   1.00 67.80  ? 4   THR B N   1 
ATOM   386 C CA  . THR B 1 4  ? 8.154   -4.808  3.361   1.00 67.30  ? 4   THR B CA  1 
ATOM   387 C C   . THR B 1 4  ? 7.794   -4.845  4.825   1.00 68.23  ? 4   THR B C   1 
ATOM   388 O O   . THR B 1 4  ? 6.681   -5.197  5.211   1.00 68.54  ? 4   THR B O   1 
ATOM   389 C CB  . THR B 1 4  ? 8.913   -6.082  3.050   1.00 63.57  ? 4   THR B CB  1 
ATOM   390 O OG1 . THR B 1 4  ? 9.263   -6.086  1.663   1.00 67.08  ? 4   THR B OG1 1 
ATOM   391 C CG2 . THR B 1 4  ? 8.063   -7.290  3.363   1.00 63.52  ? 4   THR B CG2 1 
ATOM   392 N N   . LYS B 1 5  ? 8.759   -4.467  5.639   1.00 67.57  ? 5   LYS B N   1 
ATOM   393 C CA  . LYS B 1 5  ? 8.570   -4.482  7.071   1.00 68.59  ? 5   LYS B CA  1 
ATOM   394 C C   . LYS B 1 5  ? 7.754   -3.293  7.560   1.00 64.23  ? 5   LYS B C   1 
ATOM   395 O O   . LYS B 1 5  ? 7.151   -3.331  8.636   1.00 61.48  ? 5   LYS B O   1 
ATOM   396 C CB  . LYS B 1 5  ? 9.948   -4.569  7.726   1.00 73.61  ? 5   LYS B CB  1 
ATOM   397 C CG  . LYS B 1 5  ? 10.649  -5.879  7.339   1.00 79.27  ? 5   LYS B CG  1 
ATOM   398 C CD  . LYS B 1 5  ? 12.130  -5.920  7.688   1.00 86.85  ? 5   LYS B CD  1 
ATOM   399 C CE  . LYS B 1 5  ? 12.725  -7.288  7.318   1.00 90.17  ? 5   LYS B CE  1 
ATOM   400 N NZ  . LYS B 1 5  ? 12.464  -7.655  5.879   1.00 92.23  ? 5   LYS B NZ  1 
ATOM   401 N N   . THR B 1 6  ? 7.715   -2.249  6.749   1.00 61.27  ? 6   THR B N   1 
ATOM   402 C CA  . THR B 1 6  ? 6.957   -1.068  7.080   1.00 57.40  ? 6   THR B CA  1 
ATOM   403 C C   . THR B 1 6  ? 5.518   -1.332  6.673   1.00 56.30  ? 6   THR B C   1 
ATOM   404 O O   . THR B 1 6  ? 4.592   -1.037  7.431   1.00 57.45  ? 6   THR B O   1 
ATOM   405 C CB  . THR B 1 6  ? 7.473   0.144   6.318   1.00 56.45  ? 6   THR B CB  1 
ATOM   406 O OG1 . THR B 1 6  ? 8.877   0.273   6.555   1.00 62.15  ? 6   THR B OG1 1 
ATOM   407 C CG2 . THR B 1 6  ? 6.775   1.407   6.779   1.00 51.89  ? 6   THR B CG2 1 
ATOM   408 N N   . LEU B 1 7  ? 5.335   -1.912  5.491   1.00 52.03  ? 7   LEU B N   1 
ATOM   409 C CA  . LEU B 1 7  ? 3.991   -2.186  4.994   1.00 50.99  ? 7   LEU B CA  1 
ATOM   410 C C   . LEU B 1 7  ? 3.341   -3.381  5.678   1.00 51.23  ? 7   LEU B C   1 
ATOM   411 O O   . LEU B 1 7  ? 2.136   -3.365  5.919   1.00 51.37  ? 7   LEU B O   1 
ATOM   412 C CB  . LEU B 1 7  ? 4.002   -2.436  3.478   1.00 44.39  ? 7   LEU B CB  1 
ATOM   413 C CG  . LEU B 1 7  ? 4.564   -1.389  2.509   1.00 42.18  ? 7   LEU B CG  1 
ATOM   414 C CD1 . LEU B 1 7  ? 4.484   -1.955  1.107   1.00 39.29  ? 7   LEU B CD1 1 
ATOM   415 C CD2 . LEU B 1 7  ? 3.805   -0.088  2.592   1.00 40.42  ? 7   LEU B CD2 1 
ATOM   416 N N   . LEU B 1 8  ? 4.137   -4.400  6.001   1.00 49.96  ? 8   LEU B N   1 
ATOM   417 C CA  . LEU B 1 8  ? 3.627   -5.627  6.613   1.00 46.78  ? 8   LEU B CA  1 
ATOM   418 C C   . LEU B 1 8  ? 3.512   -5.599  8.125   1.00 46.90  ? 8   LEU B C   1 
ATOM   419 O O   . LEU B 1 8  ? 3.099   -6.577  8.748   1.00 45.55  ? 8   LEU B O   1 
ATOM   420 C CB  . LEU B 1 8  ? 4.466   -6.842  6.184   1.00 43.33  ? 8   LEU B CB  1 
ATOM   421 C CG  . LEU B 1 8  ? 4.464   -7.246  4.694   1.00 41.63  ? 8   LEU B CG  1 
ATOM   422 C CD1 . LEU B 1 8  ? 5.172   -8.578  4.538   1.00 40.14  ? 8   LEU B CD1 1 
ATOM   423 C CD2 . LEU B 1 8  ? 3.056   -7.369  4.161   1.00 35.54  ? 8   LEU B CD2 1 
ATOM   424 N N   . ASN B 1 9  ? 3.874   -4.472  8.719   1.00 48.21  ? 9   ASN B N   1 
ATOM   425 C CA  . ASN B 1 9  ? 3.763   -4.334  10.159  1.00 50.46  ? 9   ASN B CA  1 
ATOM   426 C C   . ASN B 1 9  ? 2.982   -3.067  10.479  1.00 47.22  ? 9   ASN B C   1 
ATOM   427 O O   . ASN B 1 9  ? 3.491   -1.953  10.345  1.00 42.17  ? 9   ASN B O   1 
ATOM   428 C CB  . ASN B 1 9  ? 5.143   -4.325  10.818  1.00 58.48  ? 9   ASN B CB  1 
ATOM   429 C CG  . ASN B 1 9  ? 5.665   -5.735  11.122  1.00 63.56  ? 9   ASN B CG  1 
ATOM   430 O OD1 . ASN B 1 9  ? 4.904   -6.609  11.575  1.00 66.70  ? 9   ASN B OD1 1 
ATOM   431 N ND2 . ASN B 1 9  ? 6.961   -5.957  10.894  1.00 63.37  ? 9   ASN B ND2 1 
ATOM   432 N N   . ILE B 1 10 ? 1.744   -3.272  10.919  1.00 46.16  ? 10  ILE B N   1 
ATOM   433 C CA  . ILE B 1 10 ? 0.797   -2.202  11.222  1.00 46.87  ? 10  ILE B CA  1 
ATOM   434 C C   . ILE B 1 10 ? 1.356   -1.109  12.120  1.00 48.49  ? 10  ILE B C   1 
ATOM   435 O O   . ILE B 1 10 ? 1.071   0.085   11.942  1.00 45.51  ? 10  ILE B O   1 
ATOM   436 C CB  . ILE B 1 10 ? -0.492  -2.811  11.833  1.00 45.32  ? 10  ILE B CB  1 
ATOM   437 C CG1 . ILE B 1 10 ? -1.673  -1.847  11.685  1.00 46.16  ? 10  ILE B CG1 1 
ATOM   438 C CG2 . ILE B 1 10 ? -0.257  -3.162  13.279  1.00 45.05  ? 10  ILE B CG2 1 
ATOM   439 C CD1 . ILE B 1 10 ? -2.066  -1.544  10.254  1.00 43.00  ? 10  ILE B CD1 1 
ATOM   440 N N   . ARG B 1 11 ? 2.175   -1.523  13.080  1.00 50.09  ? 11  ARG B N   1 
ATOM   441 C CA  . ARG B 1 11 ? 2.811   -0.613  14.020  1.00 53.05  ? 11  ARG B CA  1 
ATOM   442 C C   . ARG B 1 11 ? 3.800   0.355   13.329  1.00 49.03  ? 11  ARG B C   1 
ATOM   443 O O   . ARG B 1 11 ? 3.745   1.561   13.527  1.00 51.58  ? 11  ARG B O   1 
ATOM   444 C CB  . ARG B 1 11 ? 3.545   -1.430  15.097  1.00 60.17  ? 11  ARG B CB  1 
ATOM   445 C CG  . ARG B 1 11 ? 4.550   -2.451  14.508  1.00 65.33  ? 11  ARG B CG  1 
ATOM   446 C CD  . ARG B 1 11 ? 5.996   -2.259  14.988  1.00 71.43  ? 11  ARG B CD  1 
ATOM   447 N NE  . ARG B 1 11 ? 6.572   -0.968  14.609  1.00 76.39  ? 11  ARG B NE  1 
ATOM   448 C CZ  . ARG B 1 11 ? 6.626   0.065   15.443  1.00 79.68  ? 11  ARG B CZ  1 
ATOM   449 N NH1 . ARG B 1 11 ? 6.144   -0.107  16.667  1.00 80.70  ? 11  ARG B NH1 1 
ATOM   450 N NH2 . ARG B 1 11 ? 7.184   1.224   15.088  1.00 77.68  ? 11  ARG B NH2 1 
ATOM   451 N N   . SER B 1 12 ? 4.708   -0.200  12.518  1.00 43.94  ? 12  SER B N   1 
ATOM   452 C CA  . SER B 1 12 ? 5.709   0.595   11.823  1.00 43.02  ? 12  SER B CA  1 
ATOM   453 C C   . SER B 1 12 ? 5.079   1.407   10.715  1.00 44.24  ? 12  SER B C   1 
ATOM   454 O O   . SER B 1 12 ? 5.461   2.553   10.487  1.00 46.67  ? 12  SER B O   1 
ATOM   455 C CB  . SER B 1 12 ? 6.762   -0.317  11.206  1.00 44.29  ? 12  SER B CB  1 
ATOM   456 O OG  . SER B 1 12 ? 7.270   -1.220  12.162  1.00 49.21  ? 12  SER B OG  1 
ATOM   457 N N   . LEU B 1 13 ? 4.139   0.798   10.012  1.00 43.37  ? 13  LEU B N   1 
ATOM   458 C CA  . LEU B 1 13 ? 3.442   1.474   8.926   1.00 41.89  ? 13  LEU B CA  1 
ATOM   459 C C   . LEU B 1 13 ? 2.726   2.693   9.496   1.00 40.28  ? 13  LEU B C   1 
ATOM   460 O O   . LEU B 1 13 ? 2.729   3.776   8.908   1.00 41.44  ? 13  LEU B O   1 
ATOM   461 C CB  . LEU B 1 13 ? 2.427   0.525   8.273   1.00 36.90  ? 13  LEU B CB  1 
ATOM   462 C CG  . LEU B 1 13 ? 1.655   1.139   7.106   1.00 36.08  ? 13  LEU B CG  1 
ATOM   463 C CD1 . LEU B 1 13 ? 2.660   1.536   6.035   1.00 33.52  ? 13  LEU B CD1 1 
ATOM   464 C CD2 . LEU B 1 13 ? 0.623   0.144   6.544   1.00 35.35  ? 13  LEU B CD2 1 
ATOM   465 N N   . ARG B 1 14 ? 2.104   2.513   10.661  1.00 41.70  ? 14  ARG B N   1 
ATOM   466 C CA  . ARG B 1 14 ? 1.376   3.596   11.320  1.00 45.36  ? 14  ARG B CA  1 
ATOM   467 C C   . ARG B 1 14 ? 2.263   4.794   11.703  1.00 45.89  ? 14  ARG B C   1 
ATOM   468 O O   . ARG B 1 14 ? 1.826   5.942   11.641  1.00 46.72  ? 14  ARG B O   1 
ATOM   469 C CB  . ARG B 1 14 ? 0.706   3.056   12.575  1.00 41.46  ? 14  ARG B CB  1 
ATOM   470 C CG  . ARG B 1 14 ? -0.332  3.960   13.149  1.00 37.02  ? 14  ARG B CG  1 
ATOM   471 C CD  . ARG B 1 14 ? -1.023  3.244   14.272  1.00 39.13  ? 14  ARG B CD  1 
ATOM   472 N NE  . ARG B 1 14 ? -1.613  1.975   13.835  1.00 43.75  ? 14  ARG B NE  1 
ATOM   473 C CZ  . ARG B 1 14 ? -2.187  1.111   14.662  1.00 41.88  ? 14  ARG B CZ  1 
ATOM   474 N NH1 . ARG B 1 14 ? -2.237  1.356   15.955  1.00 56.94  ? 14  ARG B NH1 1 
ATOM   475 N NH2 . ARG B 1 14 ? -2.769  0.017   14.193  1.00 41.43  ? 14  ARG B NH2 1 
ATOM   476 N N   . ALA B 1 15 ? 3.492   4.526   12.109  1.00 45.36  ? 15  ALA B N   1 
ATOM   477 C CA  . ALA B 1 15 ? 4.398   5.595   12.498  1.00 48.16  ? 15  ALA B CA  1 
ATOM   478 C C   . ALA B 1 15 ? 4.732   6.405   11.256  1.00 50.35  ? 15  ALA B C   1 
ATOM   479 O O   . ALA B 1 15 ? 4.602   7.636   11.242  1.00 51.36  ? 15  ALA B O   1 
ATOM   480 C CB  . ALA B 1 15 ? 5.661   5.005   13.089  1.00 50.59  ? 15  ALA B CB  1 
ATOM   481 N N   . TYR B 1 16 ? 5.154   5.711   10.216  1.00 50.55  ? 16  TYR B N   1 
ATOM   482 C CA  . TYR B 1 16 ? 5.501   6.372   8.967   1.00 53.43  ? 16  TYR B CA  1 
ATOM   483 C C   . TYR B 1 16 ? 4.375   7.261   8.463   1.00 52.44  ? 16  TYR B C   1 
ATOM   484 O O   . TYR B 1 16 ? 4.602   8.393   8.038   1.00 51.88  ? 16  TYR B O   1 
ATOM   485 C CB  . TYR B 1 16 ? 5.841   5.344   7.884   1.00 54.51  ? 16  TYR B CB  1 
ATOM   486 C CG  . TYR B 1 16 ? 5.680   5.888   6.469   1.00 59.34  ? 16  TYR B CG  1 
ATOM   487 C CD1 . TYR B 1 16 ? 6.622   6.754   5.911   1.00 61.60  ? 16  TYR B CD1 1 
ATOM   488 C CD2 . TYR B 1 16 ? 4.575   5.545   5.689   1.00 63.18  ? 16  TYR B CD2 1 
ATOM   489 C CE1 . TYR B 1 16 ? 6.459   7.272   4.620   1.00 61.65  ? 16  TYR B CE1 1 
ATOM   490 C CE2 . TYR B 1 16 ? 4.403   6.056   4.402   1.00 63.01  ? 16  TYR B CE2 1 
ATOM   491 C CZ  . TYR B 1 16 ? 5.353   6.916   3.877   1.00 64.82  ? 16  TYR B CZ  1 
ATOM   492 O OH  . TYR B 1 16 ? 5.201   7.419   2.605   1.00 70.19  ? 16  TYR B OH  1 
ATOM   493 N N   . ALA B 1 17 ? 3.156   6.726   8.499   1.00 51.30  ? 17  ALA B N   1 
ATOM   494 C CA  . ALA B 1 17 ? 1.989   7.433   8.020   1.00 52.84  ? 17  ALA B CA  1 
ATOM   495 C C   . ALA B 1 17 ? 1.813   8.782   8.703   1.00 54.58  ? 17  ALA B C   1 
ATOM   496 O O   . ALA B 1 17 ? 1.260   9.709   8.106   1.00 53.42  ? 17  ALA B O   1 
ATOM   497 C CB  . ALA B 1 17 ? 0.760   6.575   8.226   1.00 51.39  ? 17  ALA B CB  1 
ATOM   498 N N   . ARG B 1 18 ? 2.279   8.900   9.934   1.00 59.66  ? 18  ARG B N   1 
ATOM   499 C CA  . ARG B 1 18 ? 2.137   10.173  10.650  1.00 64.27  ? 18  ARG B CA  1 
ATOM   500 C C   . ARG B 1 18 ? 2.848   11.320  9.978   1.00 63.95  ? 18  ARG B C   1 
ATOM   501 O O   . ARG B 1 18 ? 2.570   12.473  10.255  1.00 66.87  ? 18  ARG B O   1 
ATOM   502 C CB  . ARG B 1 18 ? 2.620   10.060  12.084  1.00 67.28  ? 18  ARG B CB  1 
ATOM   503 C CG  . ARG B 1 18 ? 1.782   9.119   12.870  1.00 72.92  ? 18  ARG B CG  1 
ATOM   504 C CD  . ARG B 1 18 ? 2.331   8.980   14.233  1.00 80.42  ? 18  ARG B CD  1 
ATOM   505 N NE  . ARG B 1 18 ? 1.735   7.850   14.918  1.00 85.32  ? 18  ARG B NE  1 
ATOM   506 C CZ  . ARG B 1 18 ? 1.969   7.586   16.196  1.00 91.18  ? 18  ARG B CZ  1 
ATOM   507 N NH1 . ARG B 1 18 ? 2.758   8.403   16.878  1.00 92.55  ? 18  ARG B NH1 1 
ATOM   508 N NH2 . ARG B 1 18 ? 1.417   6.522   16.774  1.00 94.31  ? 18  ARG B NH2 1 
ATOM   509 N N   . GLU B 1 19 ? 3.781   10.989  9.081   1.00 64.37  ? 19  GLU B N   1 
ATOM   510 C CA  . GLU B 1 19 ? 4.530   11.979  8.322   1.00 62.43  ? 19  GLU B CA  1 
ATOM   511 C C   . GLU B 1 19 ? 3.770   12.386  7.049   1.00 59.70  ? 19  GLU B C   1 
ATOM   512 O O   . GLU B 1 19 ? 4.116   13.384  6.404   1.00 55.51  ? 19  GLU B O   1 
ATOM   513 C CB  . GLU B 1 19 ? 5.880   11.394  7.933   1.00 66.53  ? 19  GLU B CB  1 
ATOM   514 C CG  . GLU B 1 19 ? 6.718   10.987  9.136   1.00 75.96  ? 19  GLU B CG  1 
ATOM   515 C CD  . GLU B 1 19 ? 8.087   10.445  8.753   1.00 79.48  ? 19  GLU B CD  1 
ATOM   516 O OE1 . GLU B 1 19 ? 8.354   10.298  7.542   1.00 83.07  ? 19  GLU B OE1 1 
ATOM   517 O OE2 . GLU B 1 19 ? 8.898   10.161  9.663   1.00 82.50  ? 19  GLU B OE2 1 
ATOM   518 N N   . LEU B 1 20 ? 2.753   11.630  6.689   1.00 56.80  ? 20  LEU B N   1 
ATOM   519 C CA  . LEU B 1 20 ? 1.994   11.940  5.478   1.00 54.38  ? 20  LEU B CA  1 
ATOM   520 C C   . LEU B 1 20 ? 0.670   12.645  5.762   1.00 51.94  ? 20  LEU B C   1 
ATOM   521 O O   . LEU B 1 20 ? 0.186   12.613  6.885   1.00 53.82  ? 20  LEU B O   1 
ATOM   522 C CB  . LEU B 1 20 ? 1.723   10.662  4.684   1.00 53.99  ? 20  LEU B CB  1 
ATOM   523 C CG  . LEU B 1 20 ? 2.926   9.851   4.206   1.00 54.41  ? 20  LEU B CG  1 
ATOM   524 C CD1 . LEU B 1 20 ? 2.455   8.611   3.483   1.00 50.06  ? 20  LEU B CD1 1 
ATOM   525 C CD2 . LEU B 1 20 ? 3.750   10.703  3.272   1.00 56.55  ? 20  LEU B CD2 1 
ATOM   526 N N   . THR B 1 21 ? 0.119   13.272  4.745   1.00 49.32  ? 21  THR B N   1 
ATOM   527 C CA  . THR B 1 21 ? -1.157  13.972  4.820   1.00 47.32  ? 21  THR B CA  1 
ATOM   528 C C   . THR B 1 21 ? -2.176  12.893  4.485   1.00 46.52  ? 21  THR B C   1 
ATOM   529 O O   . THR B 1 21 ? -1.821  11.889  3.860   1.00 48.74  ? 21  THR B O   1 
ATOM   530 C CB  . THR B 1 21 ? -1.187  15.101  3.761   1.00 49.85  ? 21  THR B CB  1 
ATOM   531 O OG1 . THR B 1 21 ? -0.221  16.085  4.124   1.00 48.99  ? 21  THR B OG1 1 
ATOM   532 C CG2 . THR B 1 21 ? -2.524  15.783  3.679   1.00 52.04  ? 21  THR B CG2 1 
ATOM   533 N N   . ILE B 1 22 ? -3.418  13.086  4.917   1.00 41.93  ? 22  ILE B N   1 
ATOM   534 C CA  . ILE B 1 22 ? -4.446  12.108  4.609   1.00 44.75  ? 22  ILE B CA  1 
ATOM   535 C C   . ILE B 1 22 ? -4.557  11.969  3.079   1.00 45.07  ? 22  ILE B C   1 
ATOM   536 O O   . ILE B 1 22 ? -4.739  10.865  2.558   1.00 43.42  ? 22  ILE B O   1 
ATOM   537 C CB  . ILE B 1 22 ? -5.827  12.515  5.236   1.00 46.57  ? 22  ILE B CB  1 
ATOM   538 C CG1 . ILE B 1 22 ? -6.842  11.417  4.957   1.00 45.73  ? 22  ILE B CG1 1 
ATOM   539 C CG2 . ILE B 1 22 ? -6.347  13.819  4.657   1.00 46.54  ? 22  ILE B CG2 1 
ATOM   540 C CD1 . ILE B 1 22 ? -8.135  11.669  5.586   1.00 52.08  ? 22  ILE B CD1 1 
ATOM   541 N N   . GLU B 1 23 ? -4.409  13.071  2.360   1.00 45.59  ? 23  GLU B N   1 
ATOM   542 C CA  . GLU B 1 23 ? -4.492  13.052  0.900   1.00 46.49  ? 23  GLU B CA  1 
ATOM   543 C C   . GLU B 1 23 ? -3.334  12.262  0.311   1.00 44.67  ? 23  GLU B C   1 
ATOM   544 O O   . GLU B 1 23 ? -3.505  11.514  -0.664  1.00 38.81  ? 23  GLU B O   1 
ATOM   545 C CB  . GLU B 1 23 ? -4.479  14.482  0.352   1.00 49.62  ? 23  GLU B CB  1 
ATOM   546 C CG  . GLU B 1 23 ? -4.242  14.607  -1.172  1.00 58.31  ? 23  GLU B CG  1 
ATOM   547 C CD  . GLU B 1 23 ? -5.395  14.111  -2.059  1.00 61.22  ? 23  GLU B CD  1 
ATOM   548 O OE1 . GLU B 1 23 ? -6.483  13.807  -1.532  1.00 64.31  ? 23  GLU B OE1 1 
ATOM   549 O OE2 . GLU B 1 23 ? -5.216  14.042  -3.301  1.00 65.20  ? 23  GLU B OE2 1 
ATOM   550 N N   . GLN B 1 24 ? -2.150  12.442  0.883   1.00 41.84  ? 24  GLN B N   1 
ATOM   551 C CA  . GLN B 1 24 ? -0.980  11.716  0.408   1.00 43.71  ? 24  GLN B CA  1 
ATOM   552 C C   . GLN B 1 24 ? -1.223  10.250  0.738   1.00 41.14  ? 24  GLN B C   1 
ATOM   553 O O   . GLN B 1 24 ? -0.860  9.368   -0.045  1.00 42.09  ? 24  GLN B O   1 
ATOM   554 C CB  . GLN B 1 24 ? 0.297   12.192  1.096   1.00 44.02  ? 24  GLN B CB  1 
ATOM   555 C CG  . GLN B 1 24 ? 0.686   13.618  0.772   1.00 49.18  ? 24  GLN B CG  1 
ATOM   556 C CD  . GLN B 1 24 ? 1.696   14.175  1.765   1.00 49.19  ? 24  GLN B CD  1 
ATOM   557 O OE1 . GLN B 1 24 ? 2.804   13.669  1.898   1.00 52.88  ? 24  GLN B OE1 1 
ATOM   558 N NE2 . GLN B 1 24 ? 1.301   15.209  2.467   1.00 54.24  ? 24  GLN B NE2 1 
ATOM   559 N N   . LEU B 1 25 ? -1.843  10.011  1.892   1.00 37.24  ? 25  LEU B N   1 
ATOM   560 C CA  . LEU B 1 25 ? -2.161  8.656   2.335   1.00 36.26  ? 25  LEU B CA  1 
ATOM   561 C C   . LEU B 1 25 ? -3.188  7.963   1.435   1.00 35.11  ? 25  LEU B C   1 
ATOM   562 O O   . LEU B 1 25 ? -3.029  6.783   1.130   1.00 33.23  ? 25  LEU B O   1 
ATOM   563 C CB  . LEU B 1 25 ? -2.645  8.668   3.786   1.00 36.65  ? 25  LEU B CB  1 
ATOM   564 C CG  . LEU B 1 25 ? -1.487  8.696   4.798   1.00 38.32  ? 25  LEU B CG  1 
ATOM   565 C CD1 . LEU B 1 25 ? -2.032  8.941   6.213   1.00 41.84  ? 25  LEU B CD1 1 
ATOM   566 C CD2 . LEU B 1 25 ? -0.720  7.374   4.751   1.00 31.91  ? 25  LEU B CD2 1 
ATOM   567 N N   . GLU B 1 26 ? -4.224  8.688   1.015   1.00 35.31  ? 26  GLU B N   1 
ATOM   568 C CA  . GLU B 1 26 ? -5.239  8.142   0.120   1.00 34.31  ? 26  GLU B CA  1 
ATOM   569 C C   . GLU B 1 26 ? -4.642  7.904   -1.258  1.00 37.10  ? 26  GLU B C   1 
ATOM   570 O O   . GLU B 1 26 ? -5.007  6.948   -1.935  1.00 40.93  ? 26  GLU B O   1 
ATOM   571 C CB  . GLU B 1 26 ? -6.419  9.090   0.009   1.00 38.12  ? 26  GLU B CB  1 
ATOM   572 C CG  . GLU B 1 26 ? -7.223  9.173   1.305   1.00 46.23  ? 26  GLU B CG  1 
ATOM   573 C CD  . GLU B 1 26 ? -8.648  9.674   1.111   1.00 51.93  ? 26  GLU B CD  1 
ATOM   574 O OE1 . GLU B 1 26 ? -8.831  10.881  0.793   1.00 51.68  ? 26  GLU B OE1 1 
ATOM   575 O OE2 . GLU B 1 26 ? -9.579  8.841   1.274   1.00 54.61  ? 26  GLU B OE2 1 
ATOM   576 N N   . GLU B 1 27 ? -3.738  8.784   -1.668  1.00 36.32  ? 27  GLU B N   1 
ATOM   577 C CA  . GLU B 1 27 ? -3.055  8.641   -2.949  1.00 35.36  ? 27  GLU B CA  1 
ATOM   578 C C   . GLU B 1 27 ? -2.242  7.342   -2.932  1.00 37.57  ? 27  GLU B C   1 
ATOM   579 O O   . GLU B 1 27 ? -2.220  6.594   -3.916  1.00 35.48  ? 27  GLU B O   1 
ATOM   580 C CB  . GLU B 1 27 ? -2.085  9.805   -3.182  1.00 36.65  ? 27  GLU B CB  1 
ATOM   581 C CG  . GLU B 1 27 ? -1.445  9.764   -4.575  1.00 41.68  ? 27  GLU B CG  1 
ATOM   582 C CD  . GLU B 1 27 ? -0.510  10.914  -4.872  1.00 43.36  ? 27  GLU B CD  1 
ATOM   583 O OE1 . GLU B 1 27 ? -0.688  12.027  -4.321  1.00 47.20  ? 27  GLU B OE1 1 
ATOM   584 O OE2 . GLU B 1 27 ? 0.406   10.707  -5.689  1.00 50.36  ? 27  GLU B OE2 1 
ATOM   585 N N   . ALA B 1 28 ? -1.547  7.108   -1.817  1.00 34.59  ? 28  ALA B N   1 
ATOM   586 C CA  . ALA B 1 28 ? -0.743  5.911   -1.647  1.00 30.78  ? 28  ALA B CA  1 
ATOM   587 C C   . ALA B 1 28 ? -1.659  4.703   -1.664  1.00 29.95  ? 28  ALA B C   1 
ATOM   588 O O   . ALA B 1 28 ? -1.365  3.725   -2.321  1.00 29.40  ? 28  ALA B O   1 
ATOM   589 C CB  . ALA B 1 28 ? 0.027   5.962   -0.328  1.00 27.96  ? 28  ALA B CB  1 
ATOM   590 N N   . LEU B 1 29 ? -2.787  4.775   -0.975  1.00 32.46  ? 29  LEU B N   1 
ATOM   591 C CA  . LEU B 1 29 ? -3.693  3.635   -0.940  1.00 32.06  ? 29  LEU B CA  1 
ATOM   592 C C   . LEU B 1 29 ? -4.223  3.325   -2.340  1.00 31.54  ? 29  LEU B C   1 
ATOM   593 O O   . LEU B 1 29 ? -4.374  2.167   -2.738  1.00 31.44  ? 29  LEU B O   1 
ATOM   594 C CB  . LEU B 1 29 ? -4.840  3.912   0.052   1.00 30.81  ? 29  LEU B CB  1 
ATOM   595 C CG  . LEU B 1 29 ? -5.843  2.793   0.355   1.00 26.88  ? 29  LEU B CG  1 
ATOM   596 C CD1 . LEU B 1 29 ? -5.115  1.607   0.931   1.00 26.05  ? 29  LEU B CD1 1 
ATOM   597 C CD2 . LEU B 1 29 ? -6.890  3.266   1.324   1.00 24.11  ? 29  LEU B CD2 1 
ATOM   598 N N   . ASP B 1 30 ? -4.503  4.368   -3.125  1.00 33.40  ? 30  ASP B N   1 
ATOM   599 C CA  . ASP B 1 30 ? -5.006  4.109   -4.468  1.00 33.47  ? 30  ASP B CA  1 
ATOM   600 C C   . ASP B 1 30 ? -3.963  3.478   -5.353  1.00 30.77  ? 30  ASP B C   1 
ATOM   601 O O   . ASP B 1 30 ? -4.270  2.587   -6.133  1.00 32.02  ? 30  ASP B O   1 
ATOM   602 C CB  . ASP B 1 30 ? -5.498  5.394   -5.134  1.00 29.71  ? 30  ASP B CB  1 
ATOM   603 C CG  . ASP B 1 30 ? -6.820  5.837   -4.585  1.00 33.12  ? 30  ASP B CG  1 
ATOM   604 O OD1 . ASP B 1 30 ? -7.425  5.071   -3.805  1.00 34.60  ? 30  ASP B OD1 1 
ATOM   605 O OD2 . ASP B 1 30 ? -7.246  6.958   -4.943  1.00 29.60  ? 30  ASP B OD2 1 
ATOM   606 N N   . LYS B 1 31 ? -2.712  3.940   -5.244  1.00 34.76  ? 31  LYS B N   1 
ATOM   607 C CA  . LYS B 1 31 ? -1.636  3.373   -6.066  1.00 36.14  ? 31  LYS B CA  1 
ATOM   608 C C   . LYS B 1 31 ? -1.420  1.899   -5.720  1.00 32.04  ? 31  LYS B C   1 
ATOM   609 O O   . LYS B 1 31 ? -1.348  1.078   -6.613  1.00 34.57  ? 31  LYS B O   1 
ATOM   610 C CB  . LYS B 1 31 ? -0.330  4.155   -5.874  1.00 37.50  ? 31  LYS B CB  1 
ATOM   611 C CG  . LYS B 1 31 ? -0.526  5.665   -5.946  1.00 42.76  ? 31  LYS B CG  1 
ATOM   612 C CD  . LYS B 1 31 ? 0.171   6.280   -7.130  1.00 45.34  ? 31  LYS B CD  1 
ATOM   613 C CE  . LYS B 1 31 ? -0.183  7.735   -7.233  1.00 47.97  ? 31  LYS B CE  1 
ATOM   614 N NZ  . LYS B 1 31 ? 0.516   8.404   -8.344  1.00 45.89  ? 31  LYS B NZ  1 
ATOM   615 N N   . LEU B 1 32 ? -1.307  1.566   -4.439  1.00 26.24  ? 32  LEU B N   1 
ATOM   616 C CA  . LEU B 1 32 ? -1.138  0.180   -4.028  1.00 26.47  ? 32  LEU B CA  1 
ATOM   617 C C   . LEU B 1 32 ? -2.316  -0.700  -4.465  1.00 24.72  ? 32  LEU B C   1 
ATOM   618 O O   . LEU B 1 32 ? -2.133  -1.860  -4.782  1.00 25.93  ? 32  LEU B O   1 
ATOM   619 C CB  . LEU B 1 32 ? -0.977  0.094   -2.522  1.00 26.99  ? 32  LEU B CB  1 
ATOM   620 C CG  . LEU B 1 32 ? -0.693  -1.315  -2.003  1.00 25.07  ? 32  LEU B CG  1 
ATOM   621 C CD1 . LEU B 1 32 ? 0.599   -1.809  -2.629  1.00 20.98  ? 32  LEU B CD1 1 
ATOM   622 C CD2 . LEU B 1 32 ? -0.633  -1.307  -0.468  1.00 21.86  ? 32  LEU B CD2 1 
ATOM   623 N N   . THR B 1 33 ? -3.520  -0.148  -4.452  1.00 26.49  ? 33  THR B N   1 
ATOM   624 C CA  . THR B 1 33 ? -4.707  -0.863  -4.896  1.00 22.63  ? 33  THR B CA  1 
ATOM   625 C C   . THR B 1 33 ? -4.521  -1.206  -6.375  1.00 24.62  ? 33  THR B C   1 
ATOM   626 O O   . THR B 1 33 ? -4.774  -2.318  -6.786  1.00 29.70  ? 33  THR B O   1 
ATOM   627 C CB  . THR B 1 33 ? -5.974  0.020   -4.803  1.00 25.99  ? 33  THR B CB  1 
ATOM   628 O OG1 . THR B 1 33 ? -6.179  0.427   -3.447  1.00 22.03  ? 33  THR B OG1 1 
ATOM   629 C CG2 . THR B 1 33 ? -7.226  -0.730  -5.340  1.00 24.92  ? 33  THR B CG2 1 
ATOM   630 N N   . THR B 1 34 ? -4.093  -0.242  -7.176  1.00 26.98  ? 34  THR B N   1 
ATOM   631 C CA  . THR B 1 34 ? -3.897  -0.468  -8.602  1.00 31.46  ? 34  THR B CA  1 
ATOM   632 C C   . THR B 1 34 ? -2.798  -1.494  -8.891  1.00 34.67  ? 34  THR B C   1 
ATOM   633 O O   . THR B 1 34 ? -2.882  -2.240  -9.872  1.00 35.21  ? 34  THR B O   1 
ATOM   634 C CB  . THR B 1 34 ? -3.558  0.853   -9.298  1.00 31.96  ? 34  THR B CB  1 
ATOM   635 O OG1 . THR B 1 34 ? -4.631  1.761   -9.063  1.00 37.25  ? 34  THR B OG1 1 
ATOM   636 C CG2 . THR B 1 34 ? -3.357  0.657   -10.829 1.00 33.05  ? 34  THR B CG2 1 
ATOM   637 N N   . VAL B 1 35 ? -1.751  -1.510  -8.070  1.00 33.32  ? 35  VAL B N   1 
ATOM   638 C CA  . VAL B 1 35 ? -0.687  -2.496  -8.247  1.00 35.57  ? 35  VAL B CA  1 
ATOM   639 C C   . VAL B 1 35 ? -1.206  -3.899  -7.930  1.00 34.69  ? 35  VAL B C   1 
ATOM   640 O O   . VAL B 1 35 ? -0.886  -4.863  -8.624  1.00 33.61  ? 35  VAL B O   1 
ATOM   641 C CB  . VAL B 1 35 ? 0.518   -2.216  -7.339  1.00 35.76  ? 35  VAL B CB  1 
ATOM   642 C CG1 . VAL B 1 35 ? 1.537   -3.374  -7.408  1.00 40.87  ? 35  VAL B CG1 1 
ATOM   643 C CG2 . VAL B 1 35 ? 1.195   -0.977  -7.801  1.00 37.59  ? 35  VAL B CG2 1 
ATOM   644 N N   . VAL B 1 36 ? -1.993  -4.004  -6.873  1.00 36.71  ? 36  VAL B N   1 
ATOM   645 C CA  . VAL B 1 36 ? -2.550  -5.284  -6.474  1.00 38.50  ? 36  VAL B CA  1 
ATOM   646 C C   . VAL B 1 36 ? -3.492  -5.767  -7.572  1.00 41.57  ? 36  VAL B C   1 
ATOM   647 O O   . VAL B 1 36 ? -3.608  -6.977  -7.820  1.00 35.87  ? 36  VAL B O   1 
ATOM   648 C CB  . VAL B 1 36 ? -3.318  -5.148  -5.141  1.00 39.74  ? 36  VAL B CB  1 
ATOM   649 C CG1 . VAL B 1 36 ? -3.891  -6.488  -4.719  1.00 33.09  ? 36  VAL B CG1 1 
ATOM   650 C CG2 . VAL B 1 36 ? -2.388  -4.604  -4.067  1.00 32.30  ? 36  VAL B CG2 1 
ATOM   651 N N   . GLN B 1 37 ? -4.155  -4.831  -8.238  1.00 45.51  ? 37  GLN B N   1 
ATOM   652 C CA  . GLN B 1 37 ? -5.079  -5.177  -9.312  1.00 48.90  ? 37  GLN B CA  1 
ATOM   653 C C   . GLN B 1 37 ? -4.335  -5.601  -10.568 1.00 48.85  ? 37  GLN B C   1 
ATOM   654 O O   . GLN B 1 37 ? -4.739  -6.570  -11.205 1.00 50.87  ? 37  GLN B O   1 
ATOM   655 C CB  . GLN B 1 37 ? -6.020  -4.019  -9.632  1.00 51.13  ? 37  GLN B CB  1 
ATOM   656 C CG  . GLN B 1 37 ? -7.140  -3.879  -8.626  1.00 62.95  ? 37  GLN B CG  1 
ATOM   657 C CD  . GLN B 1 37 ? -8.034  -5.121  -8.583  1.00 69.40  ? 37  GLN B CD  1 
ATOM   658 O OE1 . GLN B 1 37 ? -8.554  -5.497  -7.524  1.00 71.58  ? 37  GLN B OE1 1 
ATOM   659 N NE2 . GLN B 1 37 ? -8.224  -5.754  -9.741  1.00 71.62  ? 37  GLN B NE2 1 
ATOM   660 N N   . GLU B 1 38 ? -3.278  -4.866  -10.921 1.00 48.56  ? 38  GLU B N   1 
ATOM   661 C CA  . GLU B 1 38 ? -2.459  -5.186  -12.102 1.00 50.93  ? 38  GLU B CA  1 
ATOM   662 C C   . GLU B 1 38 ? -1.798  -6.554  -11.891 1.00 52.30  ? 38  GLU B C   1 
ATOM   663 O O   . GLU B 1 38 ? -1.717  -7.357  -12.809 1.00 53.39  ? 38  GLU B O   1 
ATOM   664 C CB  . GLU B 1 38 ? -1.391  -4.119  -12.350 1.00 51.67  ? 38  GLU B CB  1 
ATOM   665 C CG  . GLU B 1 38 ? -1.895  -2.833  -12.977 1.00 56.14  ? 38  GLU B CG  1 
ATOM   666 C CD  . GLU B 1 38 ? -0.851  -1.693  -13.004 1.00 62.18  ? 38  GLU B CD  1 
ATOM   667 O OE1 . GLU B 1 38 ? 0.183   -1.734  -12.284 1.00 53.98  ? 38  GLU B OE1 1 
ATOM   668 O OE2 . GLU B 1 38 ? -1.087  -0.716  -13.752 1.00 65.79  ? 38  GLU B OE2 1 
ATOM   669 N N   . ARG B 1 39 ? -1.329  -6.830  -10.688 1.00 51.23  ? 39  ARG B N   1 
ATOM   670 C CA  . ARG B 1 39 ? -0.767  -8.154  -10.417 1.00 48.86  ? 39  ARG B CA  1 
ATOM   671 C C   . ARG B 1 39 ? -1.761  -9.358  -10.537 1.00 48.96  ? 39  ARG B C   1 
ATOM   672 O O   . ARG B 1 39 ? -1.413  -10.411 -11.088 1.00 47.22  ? 39  ARG B O   1 
ATOM   673 C CB  . ARG B 1 39 ? -0.188  -8.123  -9.028  1.00 44.67  ? 39  ARG B CB  1 
ATOM   674 C CG  . ARG B 1 39 ? 1.143   -7.452  -8.985  1.00 48.05  ? 39  ARG B CG  1 
ATOM   675 C CD  . ARG B 1 39 ? 2.231   -8.268  -9.733  1.00 45.13  ? 39  ARG B CD  1 
ATOM   676 N NE  . ARG B 1 39 ? 2.511   -9.538  -9.059  1.00 38.93  ? 39  ARG B NE  1 
ATOM   677 C CZ  . ARG B 1 39 ? 3.268   -9.645  -7.966  1.00 42.14  ? 39  ARG B CZ  1 
ATOM   678 N NH1 . ARG B 1 39 ? 3.851   -8.569  -7.472  1.00 38.73  ? 39  ARG B NH1 1 
ATOM   679 N NH2 . ARG B 1 39 ? 3.401   -10.807 -7.332  1.00 38.89  ? 39  ARG B NH2 1 
ATOM   680 N N   . LYS B 1 40 ? -2.951  -9.224  -9.983  1.00 48.76  ? 40  LYS B N   1 
ATOM   681 C CA  . LYS B 1 40 ? -3.970  -10.285 -10.074 1.00 51.56  ? 40  LYS B CA  1 
ATOM   682 C C   . LYS B 1 40 ? -4.271  -10.538 -11.562 1.00 55.51  ? 40  LYS B C   1 
ATOM   683 O O   . LYS B 1 40 ? -4.235  -11.665 -12.064 1.00 54.44  ? 40  LYS B O   1 
ATOM   684 C CB  . LYS B 1 40 ? -5.260  -9.849  -9.377  1.00 45.87  ? 40  LYS B CB  1 
ATOM   685 C CG  . LYS B 1 40 ? -5.166  -9.643  -7.889  1.00 41.33  ? 40  LYS B CG  1 
ATOM   686 C CD  . LYS B 1 40 ? -6.553  -9.349  -7.345  1.00 43.74  ? 40  LYS B CD  1 
ATOM   687 C CE  . LYS B 1 40 ? -6.605  -9.441  -5.838  1.00 43.00  ? 40  LYS B CE  1 
ATOM   688 N NZ  . LYS B 1 40 ? -8.001  -9.294  -5.316  1.00 48.95  ? 40  LYS B NZ  1 
ATOM   689 N N   . GLU B 1 41 ? -4.563  -9.450  -12.272 1.00 61.59  ? 41  GLU B N   1 
ATOM   690 C CA  . GLU B 1 41 ? -4.862  -9.498  -13.693 1.00 65.14  ? 41  GLU B CA  1 
ATOM   691 C C   . GLU B 1 41 ? -3.678  -9.969  -14.528 1.00 68.76  ? 41  GLU B C   1 
ATOM   692 O O   . GLU B 1 41 ? -3.812  -10.355 -15.687 1.00 68.86  ? 41  GLU B O   1 
ATOM   693 C CB  . GLU B 1 41 ? -5.286  -8.107  -14.167 1.00 66.09  ? 41  GLU B CB  1 
ATOM   694 C CG  . GLU B 1 41 ? -5.528  -8.007  -15.661 1.00 73.57  ? 41  GLU B CG  1 
ATOM   695 C CD  . GLU B 1 41 ? -5.397  -6.580  -16.174 1.00 76.54  ? 41  GLU B CD  1 
ATOM   696 O OE1 . GLU B 1 41 ? -6.101  -5.691  -15.651 1.00 74.59  ? 41  GLU B OE1 1 
ATOM   697 O OE2 . GLU B 1 41 ? -4.582  -6.354  -17.100 1.00 80.08  ? 41  GLU B OE2 1 
ATOM   698 N N   . ALA B 1 42 ? -2.475  -9.937  -13.933 1.00 71.07  ? 42  ALA B N   1 
ATOM   699 C CA  . ALA B 1 42 ? -1.294  -10.367 -14.654 1.00 73.96  ? 42  ALA B CA  1 
ATOM   700 C C   . ALA B 1 42 ? -1.139  -11.876 -14.534 1.00 76.13  ? 42  ALA B C   1 
ATOM   701 O O   . ALA B 1 42 ? -0.440  -12.552 -15.281 1.00 76.92  ? 42  ALA B O   1 
ATOM   702 C CB  . ALA B 1 42 ? -0.041  -9.641  -14.073 1.00 75.27  ? 42  ALA B CB  1 
ATOM   703 N N   . GLU B 1 43 ? -1.891  -12.428 -13.559 1.00 77.36  ? 43  GLU B N   1 
ATOM   704 C CA  . GLU B 1 43 ? -1.829  -13.824 -13.250 1.00 80.45  ? 43  GLU B CA  1 
ATOM   705 C C   . GLU B 1 43 ? -2.913  -14.675 -13.891 1.00 80.85  ? 43  GLU B C   1 
ATOM   706 O O   . GLU B 1 43 ? -2.807  -15.893 -13.879 1.00 80.15  ? 43  GLU B O   1 
ATOM   707 C CB  . GLU B 1 43 ? -1.897  -13.949 -11.734 1.00 81.26  ? 43  GLU B CB  1 
ATOM   708 C CG  . GLU B 1 43 ? -1.560  -15.294 -11.175 1.00 84.07  ? 43  GLU B CG  1 
ATOM   709 C CD  . GLU B 1 43 ? -1.277  -15.199 -9.697  1.00 87.59  ? 43  GLU B CD  1 
ATOM   710 O OE1 . GLU B 1 43 ? -2.066  -14.518 -9.006  1.00 88.28  ? 43  GLU B OE1 1 
ATOM   711 O OE2 . GLU B 1 43 ? -0.280  -15.793 -9.225  1.00 88.27  ? 43  GLU B OE2 1 
ATOM   712 N N   . ALA B 1 44 ? -3.936  -14.035 -14.434 1.00 83.47  ? 44  ALA B N   1 
ATOM   713 C CA  . ALA B 1 44 ? -5.040  -14.745 -15.081 1.00 85.68  ? 44  ALA B CA  1 
ATOM   714 C C   . ALA B 1 44 ? -4.605  -15.120 -16.486 1.00 87.18  ? 44  ALA B C   1 
ATOM   715 O O   . ALA B 1 44 ? -5.156  -16.058 -17.076 1.00 88.19  ? 44  ALA B O   1 
ATOM   716 C CB  . ALA B 1 44 ? -6.293  -13.855 -15.144 1.00 83.23  ? 44  ALA B CB  1 
ATOM   717 N N   . GLU B 1 45 ? -3.625  -14.390 -16.993 1.00 88.60  ? 45  GLU B N   1 
ATOM   718 C CA  . GLU B 1 45 ? -3.086  -14.586 -18.340 1.00 89.48  ? 45  GLU B CA  1 
ATOM   719 C C   . GLU B 1 45 ? -1.893  -15.532 -18.409 1.00 88.45  ? 45  GLU B C   1 
ATOM   720 O O   . GLU B 1 45 ? -1.438  -15.896 -19.486 1.00 88.14  ? 45  GLU B O   1 
ATOM   721 C CB  . GLU B 1 45 ? -2.729  -13.231 -18.939 1.00 91.80  ? 45  GLU B CB  1 
ATOM   722 C CG  . GLU B 1 45 ? -3.869  -12.219 -18.812 1.00 94.57  ? 45  GLU B CG  1 
ATOM   723 C CD  . GLU B 1 45 ? -5.242  -12.795 -19.193 1.00 98.79  ? 45  GLU B CD  1 
ATOM   724 O OE1 . GLU B 1 45 ? -5.354  -13.466 -20.247 1.00 100.31 ? 45  GLU B OE1 1 
ATOM   725 O OE2 . GLU B 1 45 ? -6.218  -12.562 -18.439 1.00 100.05 ? 45  GLU B OE2 1 
ATOM   726 N N   . GLU B 1 46 ? -1.369  -15.910 -17.243 1.00 89.37  ? 46  GLU B N   1 
ATOM   727 C CA  . GLU B 1 46 ? -0.271  -16.864 -17.196 1.00 89.26  ? 46  GLU B CA  1 
ATOM   728 C C   . GLU B 1 46 ? -0.990  -18.183 -17.000 1.00 90.07  ? 46  GLU B C   1 
ATOM   729 O O   . GLU B 1 46 ? -0.404  -19.254 -17.106 1.00 88.99  ? 46  GLU B O   1 
ATOM   730 C CB  . GLU B 1 46 ? 0.652   -16.603 -15.997 1.00 88.65  ? 46  GLU B CB  1 
ATOM   731 C CG  . GLU B 1 46 ? 0.008   -16.787 -14.626 1.00 90.32  ? 46  GLU B CG  1 
ATOM   732 C CD  . GLU B 1 46 ? 0.931   -16.379 -13.480 1.00 92.51  ? 46  GLU B CD  1 
ATOM   733 O OE1 . GLU B 1 46 ? 1.866   -15.587 -13.720 1.00 92.16  ? 46  GLU B OE1 1 
ATOM   734 O OE2 . GLU B 1 46 ? 0.708   -16.834 -12.332 1.00 94.55  ? 46  GLU B OE2 1 
ATOM   735 N N   . ILE B 1 47 ? -2.287  -18.067 -16.716 1.00 91.30  ? 47  ILE B N   1 
ATOM   736 C CA  . ILE B 1 47 ? -3.192  -19.179 -16.468 1.00 93.09  ? 47  ILE B CA  1 
ATOM   737 C C   . ILE B 1 47 ? -3.946  -19.609 -17.728 1.00 94.93  ? 47  ILE B C   1 
ATOM   738 O O   . ILE B 1 47 ? -3.755  -20.712 -18.232 1.00 96.43  ? 47  ILE B O   1 
ATOM   739 C CB  . ILE B 1 47 ? -4.227  -18.775 -15.413 1.00 92.86  ? 47  ILE B CB  1 
ATOM   740 C CG1 . ILE B 1 47 ? -3.576  -18.747 -14.026 1.00 92.36  ? 47  ILE B CG1 1 
ATOM   741 C CG2 . ILE B 1 47 ? -5.443  -19.666 -15.528 1.00 93.66  ? 47  ILE B CG2 1 
ATOM   742 C CD1 . ILE B 1 47 ? -4.365  -17.970 -12.976 1.00 91.66  ? 47  ILE B CD1 1 
ATOM   743 N N   . ALA B 1 48 ? -4.825  -18.734 -18.216 1.00 95.54  ? 48  ALA B N   1 
ATOM   744 C CA  . ALA B 1 48 ? -5.611  -19.027 -19.412 1.00 95.79  ? 48  ALA B CA  1 
ATOM   745 C C   . ALA B 1 48 ? -4.715  -19.262 -20.620 1.00 95.86  ? 48  ALA B C   1 
ATOM   746 O O   . ALA B 1 48 ? -5.124  -19.874 -21.609 1.00 96.35  ? 48  ALA B O   1 
ATOM   747 C CB  . ALA B 1 48 ? -6.567  -17.882 -19.696 1.00 95.67  ? 48  ALA B CB  1 
ATOM   748 N N   . ALA B 1 49 ? -3.480  -18.761 -20.527 1.00 95.69  ? 49  ALA B N   1 
ATOM   749 C CA  . ALA B 1 49 ? -2.504  -18.901 -21.596 1.00 96.06  ? 49  ALA B CA  1 
ATOM   750 C C   . ALA B 1 49 ? -1.516  -20.021 -21.288 1.00 96.84  ? 49  ALA B C   1 
ATOM   751 O O   . ALA B 1 49 ? -1.084  -20.708 -22.237 1.00 96.37  ? 49  ALA B O   1 
ATOM   752 C CB  . ALA B 1 49 ? -1.762  -17.600 -21.782 1.00 96.30  ? 49  ALA B CB  1 
HETATM 753 O O   . HOH C 2 .  ? 4.305   -5.828  -8.927  1.00 33.46  ? 101 HOH A O   1 
HETATM 754 O O   . HOH C 2 .  ? 13.667  -4.703  -0.238  1.00 56.29  ? 102 HOH A O   1 
HETATM 755 O O   . HOH C 2 .  ? -4.241  8.527   13.994  1.00 39.44  ? 104 HOH A O   1 
HETATM 756 O O   . HOH C 2 .  ? 8.299   2.178   -16.036 1.00 49.53  ? 105 HOH A O   1 
HETATM 757 O O   . HOH C 2 .  ? -13.860 6.057   3.173   1.00 55.80  ? 106 HOH A O   1 
HETATM 758 O O   . HOH C 2 .  ? -8.071  -3.298  1.382   1.00 44.93  ? 109 HOH A O   1 
HETATM 759 O O   . HOH C 2 .  ? 13.217  3.448   -9.275  1.00 45.83  ? 110 HOH A O   1 
HETATM 760 O O   . HOH C 2 .  ? -12.525 5.654   9.448   1.00 51.05  ? 111 HOH A O   1 
HETATM 761 O O   . HOH C 2 .  ? -7.499  -6.041  0.156   1.00 52.72  ? 115 HOH A O   1 
HETATM 762 O O   . HOH C 2 .  ? 13.605  2.511   0.582   1.00 70.96  ? 118 HOH A O   1 
HETATM 763 O O   . HOH C 2 .  ? 13.641  -9.655  -1.980  1.00 49.49  ? 120 HOH A O   1 
HETATM 764 O O   . HOH C 2 .  ? 2.305   0.692   -17.809 1.00 65.30  ? 123 HOH A O   1 
HETATM 765 O O   . HOH C 2 .  ? 10.510  4.773   -10.500 1.00 41.94  ? 126 HOH A O   1 
HETATM 766 O O   . HOH C 2 .  ? -8.602  -0.278  0.838   1.00 36.73  ? 129 HOH A O   1 
HETATM 767 O O   . HOH C 2 .  ? 2.365   0.446   -13.410 1.00 42.67  ? 131 HOH A O   1 
HETATM 768 O O   . HOH C 2 .  ? 1.857   -13.763 -6.785  1.00 53.57  ? 133 HOH A O   1 
HETATM 769 O O   . HOH C 2 .  ? -8.564  7.281   15.460  1.00 73.47  ? 138 HOH A O   1 
HETATM 770 O O   . HOH C 2 .  ? 1.995   -6.435  -12.693 1.00 53.53  ? 139 HOH A O   1 
HETATM 771 O O   . HOH C 2 .  ? 11.955  -5.816  -7.551  1.00 39.29  ? 140 HOH A O   1 
HETATM 772 O O   . HOH C 2 .  ? 0.207   -12.767 3.572   1.00 75.16  ? 143 HOH A O   1 
HETATM 773 O O   . HOH C 2 .  ? 11.525  1.711   -9.714  1.00 55.20  ? 145 HOH A O   1 
HETATM 774 O O   . HOH C 2 .  ? 18.076  9.229   4.385   1.00 61.61  ? 149 HOH A O   1 
HETATM 775 O O   . HOH C 2 .  ? 11.401  -0.398  -5.542  1.00 62.43  ? 151 HOH A O   1 
HETATM 776 O O   . HOH C 2 .  ? -5.955  19.651  14.302  1.00 73.66  ? 153 HOH A O   1 
HETATM 777 O O   . HOH D 2 .  ? 4.221   -17.376 -11.739 0.5  60.01  ? 100 HOH B O   1 
HETATM 778 O O   . HOH D 2 .  ? -2.926  2.110   18.478  1.00 51.07  ? 103 HOH B O   1 
HETATM 779 O O   . HOH D 2 .  ? -3.993  4.243   17.264  1.00 56.20  ? 107 HOH B O   1 
HETATM 780 O O   . HOH D 2 .  ? -10.298 6.060   1.196   1.00 29.61  ? 108 HOH B O   1 
HETATM 781 O O   . HOH D 2 .  ? 5.390   -9.071  10.467  1.00 51.18  ? 112 HOH B O   1 
HETATM 782 O O   . HOH D 2 .  ? -5.562  16.161  2.367   1.00 47.73  ? 113 HOH B O   1 
HETATM 783 O O   . HOH D 2 .  ? -8.707  2.462   -2.686  1.00 60.60  ? 116 HOH B O   1 
HETATM 784 O O   . HOH D 2 .  ? 10.640  -9.094  1.049   1.00 54.02  ? 117 HOH B O   1 
HETATM 785 O O   . HOH D 2 .  ? -7.640  -14.360 -20.399 1.00 53.53  ? 119 HOH B O   1 
HETATM 786 O O   . HOH D 2 .  ? 1.732   -6.429  11.994  1.00 46.83  ? 121 HOH B O   1 
HETATM 787 O O   . HOH D 2 .  ? -6.394  3.905   16.599  1.00 55.82  ? 124 HOH B O   1 
HETATM 788 O O   . HOH D 2 .  ? 1.825   -23.246 -23.849 1.00 52.02  ? 125 HOH B O   1 
HETATM 789 O O   . HOH D 2 .  ? 0.709   -16.233 -22.268 1.00 51.07  ? 127 HOH B O   1 
HETATM 790 O O   . HOH D 2 .  ? -7.577  -21.875 -23.051 1.00 51.78  ? 128 HOH B O   1 
HETATM 791 O O   . HOH D 2 .  ? 13.128  3.232   5.186   1.00 58.24  ? 132 HOH B O   1 
HETATM 792 O O   . HOH D 2 .  ? 0.392   15.566  9.090   1.00 68.19  ? 134 HOH B O   1 
HETATM 793 O O   . HOH D 2 .  ? -5.112  -13.478 -8.196  1.00 40.22  ? 136 HOH B O   1 
HETATM 794 O O   . HOH D 2 .  ? -3.849  16.540  5.917   1.00 47.04  ? 137 HOH B O   1 
HETATM 795 O O   . HOH D 2 .  ? 7.843   -10.208 6.896   0.5  74.80  ? 141 HOH B O   1 
HETATM 796 O O   . HOH D 2 .  ? -8.225  -8.056  -10.557 1.00 45.09  ? 142 HOH B O   1 
HETATM 797 O O   . HOH D 2 .  ? -3.260  -22.424 -21.091 1.00 57.96  ? 144 HOH B O   1 
HETATM 798 O O   . HOH D 2 .  ? 15.984  -6.602  8.942   1.00 50.45  ? 147 HOH B O   1 
HETATM 799 O O   . HOH D 2 .  ? 13.165  3.474   8.864   1.00 63.29  ? 148 HOH B O   1 
# 
loop_
_pdbx_poly_seq_scheme.asym_id 
_pdbx_poly_seq_scheme.entity_id 
_pdbx_poly_seq_scheme.seq_id 
_pdbx_poly_seq_scheme.mon_id 
_pdbx_poly_seq_scheme.ndb_seq_num 
_pdbx_poly_seq_scheme.pdb_seq_num 
_pdbx_poly_seq_scheme.auth_seq_num 
_pdbx_poly_seq_scheme.pdb_mon_id 
_pdbx_poly_seq_scheme.auth_mon_id 
_pdbx_poly_seq_scheme.pdb_strand_id 
_pdbx_poly_seq_scheme.pdb_ins_code 
_pdbx_poly_seq_scheme.hetero 
A 1 1  SER 1  1  ?  ?   ?   A . n 
A 1 2  GLU 2  2  2  GLU GLU A . n 
A 1 3  ILE 3  3  3  ILE ILE A . n 
A 1 4  THR 4  4  4  THR THR A . n 
A 1 5  LYS 5  5  5  LYS LYS A . n 
A 1 6  THR 6  6  6  THR THR A . n 
A 1 7  LEU 7  7  7  LEU LEU A . n 
A 1 8  LEU 8  8  8  LEU LEU A . n 
A 1 9  ASN 9  9  9  ASN ASN A . n 
A 1 10 ILE 10 10 10 ILE ILE A . n 
A 1 11 ARG 11 11 11 ARG ARG A . n 
A 1 12 SER 12 12 12 SER SER A . n 
A 1 13 LEU 13 13 13 LEU LEU A . n 
A 1 14 ARG 14 14 14 ARG ARG A . n 
A 1 15 ALA 15 15 15 ALA ALA A . n 
A 1 16 TYR 16 16 16 TYR TYR A . n 
A 1 17 ALA 17 17 17 ALA ALA A . n 
A 1 18 ARG 18 18 18 ARG ARG A . n 
A 1 19 GLU 19 19 19 GLU GLU A . n 
A 1 20 LEU 20 20 20 LEU LEU A . n 
A 1 21 THR 21 21 21 THR THR A . n 
A 1 22 ILE 22 22 22 ILE ILE A . n 
A 1 23 GLU 23 23 23 GLU GLU A . n 
A 1 24 GLN 24 24 24 GLN GLN A . n 
A 1 25 LEU 25 25 25 LEU LEU A . n 
A 1 26 GLU 26 26 26 GLU GLU A . n 
A 1 27 GLU 27 27 27 GLU GLU A . n 
A 1 28 ALA 28 28 28 ALA ALA A . n 
A 1 29 LEU 29 29 29 LEU LEU A . n 
A 1 30 ASP 30 30 30 ASP ASP A . n 
A 1 31 LYS 31 31 31 LYS LYS A . n 
A 1 32 LEU 32 32 32 LEU LEU A . n 
A 1 33 THR 33 33 33 THR THR A . n 
A 1 34 THR 34 34 34 THR THR A . n 
A 1 35 VAL 35 35 35 VAL VAL A . n 
A 1 36 VAL 36 36 36 VAL VAL A . n 
A 1 37 GLN 37 37 37 GLN GLN A . n 
A 1 38 GLU 38 38 38 GLU GLU A . n 
A 1 39 ARG 39 39 39 ARG ARG A . n 
A 1 40 LYS 40 40 40 LYS LYS A . n 
A 1 41 GLU 41 41 41 GLU GLU A . n 
A 1 42 ALA 42 42 42 ALA ALA A . n 
A 1 43 GLU 43 43 43 GLU GLU A . n 
A 1 44 ALA 44 44 44 ALA ALA A . n 
A 1 45 GLU 45 45 45 GLU GLU A . n 
A 1 46 GLU 46 46 46 GLU GLU A . n 
A 1 47 ILE 47 47 ?  ?   ?   A . n 
A 1 48 ALA 48 48 ?  ?   ?   A . n 
A 1 49 ALA 49 49 ?  ?   ?   A . n 
A 1 50 ARG 50 50 ?  ?   ?   A . n 
B 1 1  SER 1  1  ?  ?   ?   B . n 
B 1 2  GLU 2  2  2  GLU GLU B . n 
B 1 3  ILE 3  3  3  ILE ILE B . n 
B 1 4  THR 4  4  4  THR THR B . n 
B 1 5  LYS 5  5  5  LYS LYS B . n 
B 1 6  THR 6  6  6  THR THR B . n 
B 1 7  LEU 7  7  7  LEU LEU B . n 
B 1 8  LEU 8  8  8  LEU LEU B . n 
B 1 9  ASN 9  9  9  ASN ASN B . n 
B 1 10 ILE 10 10 10 ILE ILE B . n 
B 1 11 ARG 11 11 11 ARG ARG B . n 
B 1 12 SER 12 12 12 SER SER B . n 
B 1 13 LEU 13 13 13 LEU LEU B . n 
B 1 14 ARG 14 14 14 ARG ARG B . n 
B 1 15 ALA 15 15 15 ALA ALA B . n 
B 1 16 TYR 16 16 16 TYR TYR B . n 
B 1 17 ALA 17 17 17 ALA ALA B . n 
B 1 18 ARG 18 18 18 ARG ARG B . n 
B 1 19 GLU 19 19 19 GLU GLU B . n 
B 1 20 LEU 20 20 20 LEU LEU B . n 
B 1 21 THR 21 21 21 THR THR B . n 
B 1 22 ILE 22 22 22 ILE ILE B . n 
B 1 23 GLU 23 23 23 GLU GLU B . n 
B 1 24 GLN 24 24 24 GLN GLN B . n 
B 1 25 LEU 25 25 25 LEU LEU B . n 
B 1 26 GLU 26 26 26 GLU GLU B . n 
B 1 27 GLU 27 27 27 GLU GLU B . n 
B 1 28 ALA 28 28 28 ALA ALA B . n 
B 1 29 LEU 29 29 29 LEU LEU B . n 
B 1 30 ASP 30 30 30 ASP ASP B . n 
B 1 31 LYS 31 31 31 LYS LYS B . n 
B 1 32 LEU 32 32 32 LEU LEU B . n 
B 1 33 THR 33 33 33 THR THR B . n 
B 1 34 THR 34 34 34 THR THR B . n 
B 1 35 VAL 35 35 35 VAL VAL B . n 
B 1 36 VAL 36 36 36 VAL VAL B . n 
B 1 37 GLN 37 37 37 GLN GLN B . n 
B 1 38 GLU 38 38 38 GLU GLU B . n 
B 1 39 ARG 39 39 39 ARG ARG B . n 
B 1 40 LYS 40 40 40 LYS LYS B . n 
B 1 41 GLU 41 41 41 GLU GLU B . n 
B 1 42 ALA 42 42 42 ALA ALA B . n 
B 1 43 GLU 43 43 43 GLU GLU B . n 
B 1 44 ALA 44 44 44 ALA ALA B . n 
B 1 45 GLU 45 45 45 GLU GLU B . n 
B 1 46 GLU 46 46 46 GLU GLU B . n 
B 1 47 ILE 47 47 47 ILE ILE B . n 
B 1 48 ALA 48 48 48 ALA ALA B . n 
B 1 49 ALA 49 49 49 ALA ALA B . n 
B 1 50 ARG 50 50 ?  ?   ?   B . n 
# 
loop_
_pdbx_nonpoly_scheme.asym_id 
_pdbx_nonpoly_scheme.entity_id 
_pdbx_nonpoly_scheme.mon_id 
_pdbx_nonpoly_scheme.ndb_seq_num 
_pdbx_nonpoly_scheme.pdb_seq_num 
_pdbx_nonpoly_scheme.auth_seq_num 
_pdbx_nonpoly_scheme.pdb_mon_id 
_pdbx_nonpoly_scheme.auth_mon_id 
_pdbx_nonpoly_scheme.pdb_strand_id 
_pdbx_nonpoly_scheme.pdb_ins_code 
C 2 HOH 1  101 101 HOH WAT A . 
C 2 HOH 2  102 102 HOH WAT A . 
C 2 HOH 3  104 104 HOH WAT A . 
C 2 HOH 4  105 105 HOH WAT A . 
C 2 HOH 5  106 106 HOH WAT A . 
C 2 HOH 6  109 109 HOH WAT A . 
C 2 HOH 7  110 110 HOH WAT A . 
C 2 HOH 8  111 111 HOH WAT A . 
C 2 HOH 9  115 115 HOH WAT A . 
C 2 HOH 10 118 118 HOH WAT A . 
C 2 HOH 11 120 120 HOH WAT A . 
C 2 HOH 12 123 123 HOH WAT A . 
C 2 HOH 13 126 126 HOH WAT A . 
C 2 HOH 14 129 129 HOH WAT A . 
C 2 HOH 15 131 131 HOH WAT A . 
C 2 HOH 16 133 133 HOH WAT A . 
C 2 HOH 17 138 138 HOH WAT A . 
C 2 HOH 18 139 139 HOH WAT A . 
C 2 HOH 19 140 140 HOH WAT A . 
C 2 HOH 20 143 143 HOH WAT A . 
C 2 HOH 21 145 145 HOH WAT A . 
C 2 HOH 22 149 149 HOH WAT A . 
C 2 HOH 23 151 151 HOH WAT A . 
C 2 HOH 24 153 153 HOH WAT A . 
D 2 HOH 1  100 100 HOH WAT B . 
D 2 HOH 2  103 103 HOH WAT B . 
D 2 HOH 3  107 107 HOH WAT B . 
D 2 HOH 4  108 108 HOH WAT B . 
D 2 HOH 5  112 112 HOH WAT B . 
D 2 HOH 6  113 113 HOH WAT B . 
D 2 HOH 7  116 116 HOH WAT B . 
D 2 HOH 8  117 117 HOH WAT B . 
D 2 HOH 9  119 119 HOH WAT B . 
D 2 HOH 10 121 121 HOH WAT B . 
D 2 HOH 11 124 124 HOH WAT B . 
D 2 HOH 12 125 125 HOH WAT B . 
D 2 HOH 13 127 127 HOH WAT B . 
D 2 HOH 14 128 128 HOH WAT B . 
D 2 HOH 15 132 132 HOH WAT B . 
D 2 HOH 16 134 134 HOH WAT B . 
D 2 HOH 17 136 136 HOH WAT B . 
D 2 HOH 18 137 137 HOH WAT B . 
D 2 HOH 19 141 141 HOH WAT B . 
D 2 HOH 20 142 142 HOH WAT B . 
D 2 HOH 21 144 144 HOH WAT B . 
D 2 HOH 22 147 147 HOH WAT B . 
D 2 HOH 23 148 148 HOH WAT B . 
# 
_pdbx_struct_assembly.id                   1 
_pdbx_struct_assembly.details              author_and_software_defined_assembly 
_pdbx_struct_assembly.method_details       PISA 
_pdbx_struct_assembly.oligomeric_details   dimeric 
_pdbx_struct_assembly.oligomeric_count     2 
# 
_pdbx_struct_assembly_gen.assembly_id       1 
_pdbx_struct_assembly_gen.oper_expression   1 
_pdbx_struct_assembly_gen.asym_id_list      A,B,C,D 
# 
loop_
_pdbx_struct_assembly_prop.biol_id 
_pdbx_struct_assembly_prop.type 
_pdbx_struct_assembly_prop.value 
_pdbx_struct_assembly_prop.details 
1 'ABSA (A^2)' 3180 ? 
1 MORE         -28  ? 
1 'SSA (A^2)'  5940 ? 
# 
_pdbx_struct_oper_list.id                   1 
_pdbx_struct_oper_list.type                 'identity operation' 
_pdbx_struct_oper_list.name                 1_555 
_pdbx_struct_oper_list.symmetry_operation   x,y,z 
_pdbx_struct_oper_list.matrix[1][1]         1.0000000000 
_pdbx_struct_oper_list.matrix[1][2]         0.0000000000 
_pdbx_struct_oper_list.matrix[1][3]         0.0000000000 
_pdbx_struct_oper_list.vector[1]            0.0000000000 
_pdbx_struct_oper_list.matrix[2][1]         0.0000000000 
_pdbx_struct_oper_list.matrix[2][2]         1.0000000000 
_pdbx_struct_oper_list.matrix[2][3]         0.0000000000 
_pdbx_struct_oper_list.vector[2]            0.0000000000 
_pdbx_struct_oper_list.matrix[3][1]         0.0000000000 
_pdbx_struct_oper_list.matrix[3][2]         0.0000000000 
_pdbx_struct_oper_list.matrix[3][3]         1.0000000000 
_pdbx_struct_oper_list.vector[3]            0.0000000000 
# 
loop_
_pdbx_struct_special_symmetry.id 
_pdbx_struct_special_symmetry.PDB_model_num 
_pdbx_struct_special_symmetry.auth_asym_id 
_pdbx_struct_special_symmetry.auth_comp_id 
_pdbx_struct_special_symmetry.auth_seq_id 
_pdbx_struct_special_symmetry.PDB_ins_code 
_pdbx_struct_special_symmetry.label_asym_id 
_pdbx_struct_special_symmetry.label_comp_id 
_pdbx_struct_special_symmetry.label_seq_id 
1 1 B HOH 100 ? D HOH . 
2 1 B HOH 141 ? D HOH . 
# 
loop_
_pdbx_audit_revision_history.ordinal 
_pdbx_audit_revision_history.data_content_type 
_pdbx_audit_revision_history.major_revision 
_pdbx_audit_revision_history.minor_revision 
_pdbx_audit_revision_history.revision_date 
1 'Structure model' 1 0 2003-11-25 
2 'Structure model' 1 1 2008-04-29 
3 'Structure model' 1 2 2011-07-13 
4 'Structure model' 1 3 2011-11-16 
5 'Structure model' 1 4 2023-08-16 
# 
_pdbx_audit_revision_details.ordinal             1 
_pdbx_audit_revision_details.revision_ordinal    1 
_pdbx_audit_revision_details.data_content_type   'Structure model' 
_pdbx_audit_revision_details.provider            repository 
_pdbx_audit_revision_details.type                'Initial release' 
_pdbx_audit_revision_details.description         ? 
_pdbx_audit_revision_details.details             ? 
# 
loop_
_pdbx_audit_revision_group.ordinal 
_pdbx_audit_revision_group.revision_ordinal 
_pdbx_audit_revision_group.data_content_type 
_pdbx_audit_revision_group.group 
1 2 'Structure model' 'Version format compliance' 
2 3 'Structure model' 'Version format compliance' 
3 4 'Structure model' 'Atomic model'              
4 5 'Structure model' 'Data collection'           
5 5 'Structure model' 'Database references'       
6 5 'Structure model' 'Refinement description'    
# 
loop_
_pdbx_audit_revision_category.ordinal 
_pdbx_audit_revision_category.revision_ordinal 
_pdbx_audit_revision_category.data_content_type 
_pdbx_audit_revision_category.category 
1 5 'Structure model' chem_comp_atom                
2 5 'Structure model' chem_comp_bond                
3 5 'Structure model' database_2                    
4 5 'Structure model' pdbx_initial_refinement_model 
# 
loop_
_pdbx_audit_revision_item.ordinal 
_pdbx_audit_revision_item.revision_ordinal 
_pdbx_audit_revision_item.data_content_type 
_pdbx_audit_revision_item.item 
1 5 'Structure model' '_database_2.pdbx_DOI'                
2 5 'Structure model' '_database_2.pdbx_database_accession' 
# 
loop_
_software.name 
_software.classification 
_software.version 
_software.citation_id 
_software.pdbx_ordinal 
MOSFLM 'data reduction' .         ? 1 
SCALA  'data scaling'   .         ? 2 
EPMR   phasing          .         ? 3 
CNS    refinement       .         ? 4 
CCP4   'data scaling'   '(SCALA)' ? 5 
# 
_pdbx_validate_torsion.id              1 
_pdbx_validate_torsion.PDB_model_num   1 
_pdbx_validate_torsion.auth_comp_id    ILE 
_pdbx_validate_torsion.auth_asym_id    B 
_pdbx_validate_torsion.auth_seq_id     47 
_pdbx_validate_torsion.PDB_ins_code    ? 
_pdbx_validate_torsion.label_alt_id    ? 
_pdbx_validate_torsion.phi             -94.62 
_pdbx_validate_torsion.psi             -67.10 
# 
loop_
_pdbx_unobs_or_zero_occ_residues.id 
_pdbx_unobs_or_zero_occ_residues.PDB_model_num 
_pdbx_unobs_or_zero_occ_residues.polymer_flag 
_pdbx_unobs_or_zero_occ_residues.occupancy_flag 
_pdbx_unobs_or_zero_occ_residues.auth_asym_id 
_pdbx_unobs_or_zero_occ_residues.auth_comp_id 
_pdbx_unobs_or_zero_occ_residues.auth_seq_id 
_pdbx_unobs_or_zero_occ_residues.PDB_ins_code 
_pdbx_unobs_or_zero_occ_residues.label_asym_id 
_pdbx_unobs_or_zero_occ_residues.label_comp_id 
_pdbx_unobs_or_zero_occ_residues.label_seq_id 
1 1 Y 1 A SER 1  ? A SER 1  
2 1 Y 1 A ILE 47 ? A ILE 47 
3 1 Y 1 A ALA 48 ? A ALA 48 
4 1 Y 1 A ALA 49 ? A ALA 49 
5 1 Y 1 A ARG 50 ? A ARG 50 
6 1 Y 1 B SER 1  ? B SER 1  
7 1 Y 1 B ARG 50 ? B ARG 50 
# 
loop_
_chem_comp_atom.comp_id 
_chem_comp_atom.atom_id 
_chem_comp_atom.type_symbol 
_chem_comp_atom.pdbx_aromatic_flag 
_chem_comp_atom.pdbx_stereo_config 
_chem_comp_atom.pdbx_ordinal 
ALA N    N N N 1   
ALA CA   C N S 2   
ALA C    C N N 3   
ALA O    O N N 4   
ALA CB   C N N 5   
ALA OXT  O N N 6   
ALA H    H N N 7   
ALA H2   H N N 8   
ALA HA   H N N 9   
ALA HB1  H N N 10  
ALA HB2  H N N 11  
ALA HB3  H N N 12  
ALA HXT  H N N 13  
ARG N    N N N 14  
ARG CA   C N S 15  
ARG C    C N N 16  
ARG O    O N N 17  
ARG CB   C N N 18  
ARG CG   C N N 19  
ARG CD   C N N 20  
ARG NE   N N N 21  
ARG CZ   C N N 22  
ARG NH1  N N N 23  
ARG NH2  N N N 24  
ARG OXT  O N N 25  
ARG H    H N N 26  
ARG H2   H N N 27  
ARG HA   H N N 28  
ARG HB2  H N N 29  
ARG HB3  H N N 30  
ARG HG2  H N N 31  
ARG HG3  H N N 32  
ARG HD2  H N N 33  
ARG HD3  H N N 34  
ARG HE   H N N 35  
ARG HH11 H N N 36  
ARG HH12 H N N 37  
ARG HH21 H N N 38  
ARG HH22 H N N 39  
ARG HXT  H N N 40  
ASN N    N N N 41  
ASN CA   C N S 42  
ASN C    C N N 43  
ASN O    O N N 44  
ASN CB   C N N 45  
ASN CG   C N N 46  
ASN OD1  O N N 47  
ASN ND2  N N N 48  
ASN OXT  O N N 49  
ASN H    H N N 50  
ASN H2   H N N 51  
ASN HA   H N N 52  
ASN HB2  H N N 53  
ASN HB3  H N N 54  
ASN HD21 H N N 55  
ASN HD22 H N N 56  
ASN HXT  H N N 57  
ASP N    N N N 58  
ASP CA   C N S 59  
ASP C    C N N 60  
ASP O    O N N 61  
ASP CB   C N N 62  
ASP CG   C N N 63  
ASP OD1  O N N 64  
ASP OD2  O N N 65  
ASP OXT  O N N 66  
ASP H    H N N 67  
ASP H2   H N N 68  
ASP HA   H N N 69  
ASP HB2  H N N 70  
ASP HB3  H N N 71  
ASP HD2  H N N 72  
ASP HXT  H N N 73  
GLN N    N N N 74  
GLN CA   C N S 75  
GLN C    C N N 76  
GLN O    O N N 77  
GLN CB   C N N 78  
GLN CG   C N N 79  
GLN CD   C N N 80  
GLN OE1  O N N 81  
GLN NE2  N N N 82  
GLN OXT  O N N 83  
GLN H    H N N 84  
GLN H2   H N N 85  
GLN HA   H N N 86  
GLN HB2  H N N 87  
GLN HB3  H N N 88  
GLN HG2  H N N 89  
GLN HG3  H N N 90  
GLN HE21 H N N 91  
GLN HE22 H N N 92  
GLN HXT  H N N 93  
GLU N    N N N 94  
GLU CA   C N S 95  
GLU C    C N N 96  
GLU O    O N N 97  
GLU CB   C N N 98  
GLU CG   C N N 99  
GLU CD   C N N 100 
GLU OE1  O N N 101 
GLU OE2  O N N 102 
GLU OXT  O N N 103 
GLU H    H N N 104 
GLU H2   H N N 105 
GLU HA   H N N 106 
GLU HB2  H N N 107 
GLU HB3  H N N 108 
GLU HG2  H N N 109 
GLU HG3  H N N 110 
GLU HE2  H N N 111 
GLU HXT  H N N 112 
HOH O    O N N 113 
HOH H1   H N N 114 
HOH H2   H N N 115 
ILE N    N N N 116 
ILE CA   C N S 117 
ILE C    C N N 118 
ILE O    O N N 119 
ILE CB   C N S 120 
ILE CG1  C N N 121 
ILE CG2  C N N 122 
ILE CD1  C N N 123 
ILE OXT  O N N 124 
ILE H    H N N 125 
ILE H2   H N N 126 
ILE HA   H N N 127 
ILE HB   H N N 128 
ILE HG12 H N N 129 
ILE HG13 H N N 130 
ILE HG21 H N N 131 
ILE HG22 H N N 132 
ILE HG23 H N N 133 
ILE HD11 H N N 134 
ILE HD12 H N N 135 
ILE HD13 H N N 136 
ILE HXT  H N N 137 
LEU N    N N N 138 
LEU CA   C N S 139 
LEU C    C N N 140 
LEU O    O N N 141 
LEU CB   C N N 142 
LEU CG   C N N 143 
LEU CD1  C N N 144 
LEU CD2  C N N 145 
LEU OXT  O N N 146 
LEU H    H N N 147 
LEU H2   H N N 148 
LEU HA   H N N 149 
LEU HB2  H N N 150 
LEU HB3  H N N 151 
LEU HG   H N N 152 
LEU HD11 H N N 153 
LEU HD12 H N N 154 
LEU HD13 H N N 155 
LEU HD21 H N N 156 
LEU HD22 H N N 157 
LEU HD23 H N N 158 
LEU HXT  H N N 159 
LYS N    N N N 160 
LYS CA   C N S 161 
LYS C    C N N 162 
LYS O    O N N 163 
LYS CB   C N N 164 
LYS CG   C N N 165 
LYS CD   C N N 166 
LYS CE   C N N 167 
LYS NZ   N N N 168 
LYS OXT  O N N 169 
LYS H    H N N 170 
LYS H2   H N N 171 
LYS HA   H N N 172 
LYS HB2  H N N 173 
LYS HB3  H N N 174 
LYS HG2  H N N 175 
LYS HG3  H N N 176 
LYS HD2  H N N 177 
LYS HD3  H N N 178 
LYS HE2  H N N 179 
LYS HE3  H N N 180 
LYS HZ1  H N N 181 
LYS HZ2  H N N 182 
LYS HZ3  H N N 183 
LYS HXT  H N N 184 
SER N    N N N 185 
SER CA   C N S 186 
SER C    C N N 187 
SER O    O N N 188 
SER CB   C N N 189 
SER OG   O N N 190 
SER OXT  O N N 191 
SER H    H N N 192 
SER H2   H N N 193 
SER HA   H N N 194 
SER HB2  H N N 195 
SER HB3  H N N 196 
SER HG   H N N 197 
SER HXT  H N N 198 
THR N    N N N 199 
THR CA   C N S 200 
THR C    C N N 201 
THR O    O N N 202 
THR CB   C N R 203 
THR OG1  O N N 204 
THR CG2  C N N 205 
THR OXT  O N N 206 
THR H    H N N 207 
THR H2   H N N 208 
THR HA   H N N 209 
THR HB   H N N 210 
THR HG1  H N N 211 
THR HG21 H N N 212 
THR HG22 H N N 213 
THR HG23 H N N 214 
THR HXT  H N N 215 
TYR N    N N N 216 
TYR CA   C N S 217 
TYR C    C N N 218 
TYR O    O N N 219 
TYR CB   C N N 220 
TYR CG   C Y N 221 
TYR CD1  C Y N 222 
TYR CD2  C Y N 223 
TYR CE1  C Y N 224 
TYR CE2  C Y N 225 
TYR CZ   C Y N 226 
TYR OH   O N N 227 
TYR OXT  O N N 228 
TYR H    H N N 229 
TYR H2   H N N 230 
TYR HA   H N N 231 
TYR HB2  H N N 232 
TYR HB3  H N N 233 
TYR HD1  H N N 234 
TYR HD2  H N N 235 
TYR HE1  H N N 236 
TYR HE2  H N N 237 
TYR HH   H N N 238 
TYR HXT  H N N 239 
VAL N    N N N 240 
VAL CA   C N S 241 
VAL C    C N N 242 
VAL O    O N N 243 
VAL CB   C N N 244 
VAL CG1  C N N 245 
VAL CG2  C N N 246 
VAL OXT  O N N 247 
VAL H    H N N 248 
VAL H2   H N N 249 
VAL HA   H N N 250 
VAL HB   H N N 251 
VAL HG11 H N N 252 
VAL HG12 H N N 253 
VAL HG13 H N N 254 
VAL HG21 H N N 255 
VAL HG22 H N N 256 
VAL HG23 H N N 257 
VAL HXT  H N N 258 
# 
loop_
_chem_comp_bond.comp_id 
_chem_comp_bond.atom_id_1 
_chem_comp_bond.atom_id_2 
_chem_comp_bond.value_order 
_chem_comp_bond.pdbx_aromatic_flag 
_chem_comp_bond.pdbx_stereo_config 
_chem_comp_bond.pdbx_ordinal 
ALA N   CA   sing N N 1   
ALA N   H    sing N N 2   
ALA N   H2   sing N N 3   
ALA CA  C    sing N N 4   
ALA CA  CB   sing N N 5   
ALA CA  HA   sing N N 6   
ALA C   O    doub N N 7   
ALA C   OXT  sing N N 8   
ALA CB  HB1  sing N N 9   
ALA CB  HB2  sing N N 10  
ALA CB  HB3  sing N N 11  
ALA OXT HXT  sing N N 12  
ARG N   CA   sing N N 13  
ARG N   H    sing N N 14  
ARG N   H2   sing N N 15  
ARG CA  C    sing N N 16  
ARG CA  CB   sing N N 17  
ARG CA  HA   sing N N 18  
ARG C   O    doub N N 19  
ARG C   OXT  sing N N 20  
ARG CB  CG   sing N N 21  
ARG CB  HB2  sing N N 22  
ARG CB  HB3  sing N N 23  
ARG CG  CD   sing N N 24  
ARG CG  HG2  sing N N 25  
ARG CG  HG3  sing N N 26  
ARG CD  NE   sing N N 27  
ARG CD  HD2  sing N N 28  
ARG CD  HD3  sing N N 29  
ARG NE  CZ   sing N N 30  
ARG NE  HE   sing N N 31  
ARG CZ  NH1  sing N N 32  
ARG CZ  NH2  doub N N 33  
ARG NH1 HH11 sing N N 34  
ARG NH1 HH12 sing N N 35  
ARG NH2 HH21 sing N N 36  
ARG NH2 HH22 sing N N 37  
ARG OXT HXT  sing N N 38  
ASN N   CA   sing N N 39  
ASN N   H    sing N N 40  
ASN N   H2   sing N N 41  
ASN CA  C    sing N N 42  
ASN CA  CB   sing N N 43  
ASN CA  HA   sing N N 44  
ASN C   O    doub N N 45  
ASN C   OXT  sing N N 46  
ASN CB  CG   sing N N 47  
ASN CB  HB2  sing N N 48  
ASN CB  HB3  sing N N 49  
ASN CG  OD1  doub N N 50  
ASN CG  ND2  sing N N 51  
ASN ND2 HD21 sing N N 52  
ASN ND2 HD22 sing N N 53  
ASN OXT HXT  sing N N 54  
ASP N   CA   sing N N 55  
ASP N   H    sing N N 56  
ASP N   H2   sing N N 57  
ASP CA  C    sing N N 58  
ASP CA  CB   sing N N 59  
ASP CA  HA   sing N N 60  
ASP C   O    doub N N 61  
ASP C   OXT  sing N N 62  
ASP CB  CG   sing N N 63  
ASP CB  HB2  sing N N 64  
ASP CB  HB3  sing N N 65  
ASP CG  OD1  doub N N 66  
ASP CG  OD2  sing N N 67  
ASP OD2 HD2  sing N N 68  
ASP OXT HXT  sing N N 69  
GLN N   CA   sing N N 70  
GLN N   H    sing N N 71  
GLN N   H2   sing N N 72  
GLN CA  C    sing N N 73  
GLN CA  CB   sing N N 74  
GLN CA  HA   sing N N 75  
GLN C   O    doub N N 76  
GLN C   OXT  sing N N 77  
GLN CB  CG   sing N N 78  
GLN CB  HB2  sing N N 79  
GLN CB  HB3  sing N N 80  
GLN CG  CD   sing N N 81  
GLN CG  HG2  sing N N 82  
GLN CG  HG3  sing N N 83  
GLN CD  OE1  doub N N 84  
GLN CD  NE2  sing N N 85  
GLN NE2 HE21 sing N N 86  
GLN NE2 HE22 sing N N 87  
GLN OXT HXT  sing N N 88  
GLU N   CA   sing N N 89  
GLU N   H    sing N N 90  
GLU N   H2   sing N N 91  
GLU CA  C    sing N N 92  
GLU CA  CB   sing N N 93  
GLU CA  HA   sing N N 94  
GLU C   O    doub N N 95  
GLU C   OXT  sing N N 96  
GLU CB  CG   sing N N 97  
GLU CB  HB2  sing N N 98  
GLU CB  HB3  sing N N 99  
GLU CG  CD   sing N N 100 
GLU CG  HG2  sing N N 101 
GLU CG  HG3  sing N N 102 
GLU CD  OE1  doub N N 103 
GLU CD  OE2  sing N N 104 
GLU OE2 HE2  sing N N 105 
GLU OXT HXT  sing N N 106 
HOH O   H1   sing N N 107 
HOH O   H2   sing N N 108 
ILE N   CA   sing N N 109 
ILE N   H    sing N N 110 
ILE N   H2   sing N N 111 
ILE CA  C    sing N N 112 
ILE CA  CB   sing N N 113 
ILE CA  HA   sing N N 114 
ILE C   O    doub N N 115 
ILE C   OXT  sing N N 116 
ILE CB  CG1  sing N N 117 
ILE CB  CG2  sing N N 118 
ILE CB  HB   sing N N 119 
ILE CG1 CD1  sing N N 120 
ILE CG1 HG12 sing N N 121 
ILE CG1 HG13 sing N N 122 
ILE CG2 HG21 sing N N 123 
ILE CG2 HG22 sing N N 124 
ILE CG2 HG23 sing N N 125 
ILE CD1 HD11 sing N N 126 
ILE CD1 HD12 sing N N 127 
ILE CD1 HD13 sing N N 128 
ILE OXT HXT  sing N N 129 
LEU N   CA   sing N N 130 
LEU N   H    sing N N 131 
LEU N   H2   sing N N 132 
LEU CA  C    sing N N 133 
LEU CA  CB   sing N N 134 
LEU CA  HA   sing N N 135 
LEU C   O    doub N N 136 
LEU C   OXT  sing N N 137 
LEU CB  CG   sing N N 138 
LEU CB  HB2  sing N N 139 
LEU CB  HB3  sing N N 140 
LEU CG  CD1  sing N N 141 
LEU CG  CD2  sing N N 142 
LEU CG  HG   sing N N 143 
LEU CD1 HD11 sing N N 144 
LEU CD1 HD12 sing N N 145 
LEU CD1 HD13 sing N N 146 
LEU CD2 HD21 sing N N 147 
LEU CD2 HD22 sing N N 148 
LEU CD2 HD23 sing N N 149 
LEU OXT HXT  sing N N 150 
LYS N   CA   sing N N 151 
LYS N   H    sing N N 152 
LYS N   H2   sing N N 153 
LYS CA  C    sing N N 154 
LYS CA  CB   sing N N 155 
LYS CA  HA   sing N N 156 
LYS C   O    doub N N 157 
LYS C   OXT  sing N N 158 
LYS CB  CG   sing N N 159 
LYS CB  HB2  sing N N 160 
LYS CB  HB3  sing N N 161 
LYS CG  CD   sing N N 162 
LYS CG  HG2  sing N N 163 
LYS CG  HG3  sing N N 164 
LYS CD  CE   sing N N 165 
LYS CD  HD2  sing N N 166 
LYS CD  HD3  sing N N 167 
LYS CE  NZ   sing N N 168 
LYS CE  HE2  sing N N 169 
LYS CE  HE3  sing N N 170 
LYS NZ  HZ1  sing N N 171 
LYS NZ  HZ2  sing N N 172 
LYS NZ  HZ3  sing N N 173 
LYS OXT HXT  sing N N 174 
SER N   CA   sing N N 175 
SER N   H    sing N N 176 
SER N   H2   sing N N 177 
SER CA  C    sing N N 178 
SER CA  CB   sing N N 179 
SER CA  HA   sing N N 180 
SER C   O    doub N N 181 
SER C   OXT  sing N N 182 
SER CB  OG   sing N N 183 
SER CB  HB2  sing N N 184 
SER CB  HB3  sing N N 185 
SER OG  HG   sing N N 186 
SER OXT HXT  sing N N 187 
THR N   CA   sing N N 188 
THR N   H    sing N N 189 
THR N   H2   sing N N 190 
THR CA  C    sing N N 191 
THR CA  CB   sing N N 192 
THR CA  HA   sing N N 193 
THR C   O    doub N N 194 
THR C   OXT  sing N N 195 
THR CB  OG1  sing N N 196 
THR CB  CG2  sing N N 197 
THR CB  HB   sing N N 198 
THR OG1 HG1  sing N N 199 
THR CG2 HG21 sing N N 200 
THR CG2 HG22 sing N N 201 
THR CG2 HG23 sing N N 202 
THR OXT HXT  sing N N 203 
TYR N   CA   sing N N 204 
TYR N   H    sing N N 205 
TYR N   H2   sing N N 206 
TYR CA  C    sing N N 207 
TYR CA  CB   sing N N 208 
TYR CA  HA   sing N N 209 
TYR C   O    doub N N 210 
TYR C   OXT  sing N N 211 
TYR CB  CG   sing N N 212 
TYR CB  HB2  sing N N 213 
TYR CB  HB3  sing N N 214 
TYR CG  CD1  doub Y N 215 
TYR CG  CD2  sing Y N 216 
TYR CD1 CE1  sing Y N 217 
TYR CD1 HD1  sing N N 218 
TYR CD2 CE2  doub Y N 219 
TYR CD2 HD2  sing N N 220 
TYR CE1 CZ   doub Y N 221 
TYR CE1 HE1  sing N N 222 
TYR CE2 CZ   sing Y N 223 
TYR CE2 HE2  sing N N 224 
TYR CZ  OH   sing N N 225 
TYR OH  HH   sing N N 226 
TYR OXT HXT  sing N N 227 
VAL N   CA   sing N N 228 
VAL N   H    sing N N 229 
VAL N   H2   sing N N 230 
VAL CA  C    sing N N 231 
VAL CA  CB   sing N N 232 
VAL CA  HA   sing N N 233 
VAL C   O    doub N N 234 
VAL C   OXT  sing N N 235 
VAL CB  CG1  sing N N 236 
VAL CB  CG2  sing N N 237 
VAL CB  HB   sing N N 238 
VAL CG1 HG11 sing N N 239 
VAL CG1 HG12 sing N N 240 
VAL CG1 HG13 sing N N 241 
VAL CG2 HG21 sing N N 242 
VAL CG2 HG22 sing N N 243 
VAL CG2 HG23 sing N N 244 
VAL OXT HXT  sing N N 245 
# 
_pdbx_entity_nonpoly.entity_id   2 
_pdbx_entity_nonpoly.name        water 
_pdbx_entity_nonpoly.comp_id     HOH 
# 
_pdbx_initial_refinement_model.id               1 
_pdbx_initial_refinement_model.entity_id_list   ? 
_pdbx_initial_refinement_model.type             'experimental model' 
_pdbx_initial_refinement_model.source_name      PDB 
_pdbx_initial_refinement_model.accession_code   1NI8 
_pdbx_initial_refinement_model.details          'PDB entry 1NI8' 
# 
